data_9AZ8
#
_entry.id   9AZ8
#
_cell.length_a   69.540
_cell.length_b   52.540
_cell.length_c   136.510
_cell.angle_alpha   90.00
_cell.angle_beta   104.11
_cell.angle_gamma   90.00
#
_symmetry.space_group_name_H-M   'P 1 21 1'
#
loop_
_entity.id
_entity.type
_entity.pdbx_description
1 polymer 'Kynurenine 3-monooxygenase'
2 non-polymer 1-(4-cyclohexylphenyl)-2-(2H-tetrazol-5-yl)ethan-1-one
3 non-polymer 'FLAVIN-ADENINE DINUCLEOTIDE'
4 non-polymer 'CHLORIDE ION'
5 non-polymer 'DIMETHYL SULFOXIDE'
6 water water
#
_entity_poly.entity_id   1
_entity_poly.type   'polypeptide(L)'
_entity_poly.pdbx_seq_one_letter_code
;MTATDNARQVTIIGAGLAGTLVARLLARNGWQVNLFERRPDPRIETGARGRSINLALAERGAHALRLAGLEREVLAEAVM
MRGRMVHVPGTPPNLQPYGRDDSEVIWSINRDRLNRILLDGAEAAGASIHFNLGLDSVDFARQRLTLSNVSGERLEKRFH
LLIGADGCNSAVRQAMASVVDLGEHLETQPHGYKELQITPEASAQFNLEPNALHIWPHGDYMCIALPNLDRSFTVTLFLH
HQSPAAQPASPSFAQLVDGHAARRFFQRQFPDLSPMLDSLEQDFEHHPTGKLATLRLTTWHVGGQAVLLGDAAHPMVPFH
GQGMNCALEDAVALAEHLQSAADNASALAAFTAQRQPDALAIQAMALENYVEMSSKVASPTYLLERELGQIMAQRQPTRF
IPRYSMVTFSRLPYAQAMARGQIQEQLLKFAVANHSDLTSINLDAVEHEVTRCLPPLSHLS
;
_entity_poly.pdbx_strand_id   A,B
#
# COMPACT_ATOMS: atom_id res chain seq x y z
N ALA A 7 -12.14 39.55 28.03
CA ALA A 7 -12.02 38.08 28.05
C ALA A 7 -12.92 37.41 27.01
N ARG A 8 -12.33 36.53 26.19
CA ARG A 8 -13.10 35.77 25.22
CA ARG A 8 -13.10 35.77 25.22
C ARG A 8 -14.01 34.76 25.93
N GLN A 9 -15.23 34.61 25.42
CA GLN A 9 -16.28 33.79 26.02
C GLN A 9 -16.60 32.60 25.15
N VAL A 10 -16.92 31.46 25.78
CA VAL A 10 -17.27 30.28 25.00
C VAL A 10 -18.29 29.48 25.82
N THR A 11 -19.22 28.86 25.13
CA THR A 11 -20.24 27.99 25.71
C THR A 11 -19.99 26.60 25.14
N ILE A 12 -19.90 25.61 26.01
CA ILE A 12 -19.61 24.22 25.64
C ILE A 12 -20.80 23.33 26.06
N ILE A 13 -21.30 22.53 25.13
CA ILE A 13 -22.41 21.64 25.36
C ILE A 13 -21.83 20.24 25.57
N GLY A 14 -22.05 19.65 26.74
CA GLY A 14 -21.52 18.30 26.95
C GLY A 14 -20.28 18.23 27.83
N ALA A 15 -20.46 17.84 29.07
CA ALA A 15 -19.32 17.68 29.95
C ALA A 15 -18.88 16.22 29.96
N GLY A 16 -18.54 15.75 28.75
CA GLY A 16 -18.01 14.41 28.52
C GLY A 16 -16.49 14.49 28.56
N LEU A 17 -15.79 13.70 27.75
CA LEU A 17 -14.34 13.72 27.77
C LEU A 17 -13.81 14.93 26.99
N ALA A 18 -14.28 15.14 25.77
CA ALA A 18 -13.74 16.25 24.98
C ALA A 18 -14.18 17.59 25.55
N GLY A 19 -15.44 17.69 25.99
CA GLY A 19 -15.94 18.96 26.49
C GLY A 19 -15.24 19.43 27.74
N THR A 20 -15.00 18.53 28.69
CA THR A 20 -14.36 18.95 29.93
CA THR A 20 -14.39 18.98 29.92
C THR A 20 -12.90 19.28 29.72
N LEU A 21 -12.23 18.54 28.84
CA LEU A 21 -10.82 18.86 28.59
C LEU A 21 -10.72 20.21 27.93
N VAL A 22 -11.53 20.47 26.90
CA VAL A 22 -11.37 21.75 26.23
C VAL A 22 -11.73 22.89 27.19
N ALA A 23 -12.72 22.69 28.07
CA ALA A 23 -13.06 23.71 29.07
C ALA A 23 -11.88 24.02 29.99
N ARG A 24 -11.15 22.98 30.43
CA ARG A 24 -9.96 23.22 31.24
C ARG A 24 -8.94 24.04 30.46
N LEU A 25 -8.65 23.63 29.22
CA LEU A 25 -7.54 24.26 28.48
C LEU A 25 -7.87 25.72 28.15
N LEU A 26 -9.12 26.01 27.82
CA LEU A 26 -9.48 27.40 27.55
C LEU A 26 -9.57 28.22 28.84
N ALA A 27 -10.14 27.66 29.93
CA ALA A 27 -10.30 28.46 31.14
C ALA A 27 -8.94 28.85 31.73
N ARG A 28 -7.96 27.98 31.63
CA ARG A 28 -6.70 28.33 32.23
C ARG A 28 -5.92 29.30 31.36
N ASN A 29 -6.33 29.47 30.10
CA ASN A 29 -5.87 30.59 29.28
C ASN A 29 -6.72 31.85 29.44
N GLY A 30 -7.64 31.88 30.41
CA GLY A 30 -8.32 33.13 30.70
C GLY A 30 -9.66 33.35 30.00
N TRP A 31 -10.10 32.41 29.15
CA TRP A 31 -11.46 32.43 28.60
C TRP A 31 -12.52 32.33 29.70
N GLN A 32 -13.67 32.94 29.46
CA GLN A 32 -14.83 32.73 30.30
C GLN A 32 -15.56 31.53 29.74
N VAL A 33 -15.58 30.42 30.47
CA VAL A 33 -16.09 29.14 29.97
C VAL A 33 -17.33 28.77 30.80
N ASN A 34 -18.47 28.55 30.13
CA ASN A 34 -19.64 27.91 30.72
C ASN A 34 -19.92 26.62 30.01
N LEU A 35 -20.08 25.56 30.77
CA LEU A 35 -20.19 24.24 30.22
C LEU A 35 -21.53 23.70 30.70
N PHE A 36 -22.39 23.26 29.78
CA PHE A 36 -23.75 22.80 30.11
C PHE A 36 -23.84 21.30 29.85
N GLU A 37 -24.42 20.56 30.80
CA GLU A 37 -24.39 19.10 30.74
C GLU A 37 -25.78 18.60 31.10
N ARG A 38 -26.31 17.68 30.29
CA ARG A 38 -27.68 17.21 30.50
CA ARG A 38 -27.68 17.20 30.48
C ARG A 38 -27.79 16.32 31.72
N ARG A 39 -26.76 15.53 32.01
CA ARG A 39 -26.81 14.59 33.13
C ARG A 39 -26.60 15.30 34.47
N PRO A 40 -26.89 14.64 35.60
CA PRO A 40 -26.60 15.26 36.90
C PRO A 40 -25.10 15.24 37.13
N ASP A 41 -24.61 15.96 38.14
CA ASP A 41 -23.15 15.92 38.40
C ASP A 41 -22.78 14.55 38.97
N PRO A 42 -21.89 13.78 38.35
CA PRO A 42 -21.58 12.44 38.89
C PRO A 42 -20.74 12.50 40.16
N ARG A 43 -20.21 13.66 40.55
CA ARG A 43 -19.50 13.80 41.84
C ARG A 43 -20.44 13.93 43.01
N ILE A 44 -21.72 14.20 42.79
CA ILE A 44 -22.69 14.20 43.89
C ILE A 44 -23.11 12.74 44.11
N GLU A 45 -22.71 12.17 45.24
CA GLU A 45 -23.01 10.77 45.48
C GLU A 45 -24.48 10.56 45.80
N THR A 46 -25.06 9.52 45.21
CA THR A 46 -26.47 9.18 45.43
C THR A 46 -26.56 7.73 45.82
N GLY A 47 -27.77 7.20 45.96
CA GLY A 47 -27.94 5.80 46.29
C GLY A 47 -27.87 4.86 45.11
N ALA A 48 -27.85 5.39 43.89
CA ALA A 48 -27.86 4.55 42.70
C ALA A 48 -26.55 3.77 42.58
N ARG A 49 -26.61 2.64 41.90
CA ARG A 49 -25.43 1.78 41.72
C ARG A 49 -24.84 2.04 40.34
N GLY A 50 -23.96 3.05 40.25
CA GLY A 50 -23.21 3.33 39.04
C GLY A 50 -22.46 2.15 38.47
N ARG A 51 -22.73 1.83 37.20
CA ARG A 51 -22.06 0.77 36.45
C ARG A 51 -21.35 1.41 35.26
N SER A 52 -20.08 1.74 35.45
CA SER A 52 -19.26 2.41 34.44
C SER A 52 -18.35 1.38 33.77
N ILE A 53 -18.19 1.49 32.47
CA ILE A 53 -17.24 0.63 31.78
C ILE A 53 -15.85 1.29 31.81
N ASN A 54 -14.82 0.53 31.49
CA ASN A 54 -13.47 1.06 31.37
C ASN A 54 -13.13 1.35 29.91
N LEU A 55 -12.17 2.25 29.71
CA LEU A 55 -11.66 2.64 28.40
C LEU A 55 -10.15 2.38 28.34
N ALA A 56 -9.65 2.06 27.14
CA ALA A 56 -8.21 1.92 26.90
C ALA A 56 -7.64 3.28 26.53
N LEU A 57 -6.78 3.80 27.39
CA LEU A 57 -6.15 5.08 27.23
C LEU A 57 -4.73 4.84 26.73
N ALA A 58 -4.37 5.50 25.64
CA ALA A 58 -3.07 5.33 24.99
C ALA A 58 -2.33 6.67 24.88
N GLU A 59 -1.22 6.69 24.13
CA GLU A 59 -0.33 7.86 24.14
C GLU A 59 -1.07 9.13 23.74
N ARG A 60 -1.93 9.08 22.72
CA ARG A 60 -2.58 10.31 22.29
C ARG A 60 -3.45 10.86 23.41
N GLY A 61 -4.21 9.99 24.07
CA GLY A 61 -5.00 10.47 25.19
C GLY A 61 -4.13 10.85 26.37
N ALA A 62 -3.07 10.08 26.62
CA ALA A 62 -2.21 10.38 27.73
C ALA A 62 -1.49 11.71 27.52
N HIS A 63 -1.03 11.97 26.31
CA HIS A 63 -0.30 13.21 26.12
C HIS A 63 -1.24 14.39 26.26
N ALA A 64 -2.48 14.26 25.77
CA ALA A 64 -3.42 15.39 25.95
C ALA A 64 -3.68 15.65 27.43
N LEU A 65 -3.78 14.60 28.26
CA LEU A 65 -3.93 14.81 29.70
C LEU A 65 -2.66 15.39 30.31
N ARG A 66 -1.50 14.99 29.82
CA ARG A 66 -0.24 15.52 30.30
C ARG A 66 -0.15 17.03 30.07
N LEU A 67 -0.58 17.49 28.88
CA LEU A 67 -0.60 18.95 28.65
C LEU A 67 -1.57 19.64 29.57
N ALA A 68 -2.64 18.96 29.95
CA ALA A 68 -3.60 19.56 30.86
C ALA A 68 -3.14 19.50 32.31
N GLY A 69 -2.01 18.87 32.61
CA GLY A 69 -1.65 18.69 34.00
C GLY A 69 -2.48 17.66 34.76
N LEU A 70 -3.13 16.72 34.07
CA LEU A 70 -3.99 15.74 34.73
C LEU A 70 -3.50 14.29 34.58
N GLU A 71 -2.38 14.06 33.91
CA GLU A 71 -2.03 12.68 33.56
C GLU A 71 -1.78 11.84 34.82
N ARG A 72 -1.00 12.38 35.77
CA ARG A 72 -0.62 11.59 36.94
C ARG A 72 -1.84 11.20 37.76
N GLU A 73 -2.76 12.13 37.92
CA GLU A 73 -4.01 11.83 38.61
C GLU A 73 -4.78 10.71 37.90
N VAL A 74 -4.87 10.77 36.58
CA VAL A 74 -5.60 9.73 35.85
C VAL A 74 -4.89 8.37 35.99
N LEU A 75 -3.56 8.35 35.82
CA LEU A 75 -2.87 7.06 35.81
C LEU A 75 -2.87 6.38 37.17
N ALA A 76 -3.00 7.15 38.26
CA ALA A 76 -3.04 6.58 39.57
C ALA A 76 -4.17 5.58 39.67
N GLU A 77 -5.24 5.82 38.89
CA GLU A 77 -6.47 5.04 38.89
C GLU A 77 -6.60 4.13 37.68
N ALA A 78 -5.48 3.83 36.99
CA ALA A 78 -5.52 3.09 35.73
C ALA A 78 -4.78 1.76 35.90
N VAL A 79 -5.22 0.72 35.20
CA VAL A 79 -4.54 -0.58 35.22
C VAL A 79 -3.65 -0.66 34.00
N MET A 80 -2.41 -0.99 34.22
CA MET A 80 -1.46 -1.14 33.11
C MET A 80 -1.76 -2.39 32.29
N MET A 81 -1.87 -2.23 30.97
CA MET A 81 -1.96 -3.38 30.09
C MET A 81 -0.68 -3.47 29.27
N ARG A 82 0.14 -4.45 29.60
CA ARG A 82 1.48 -4.56 29.05
CA ARG A 82 1.48 -4.57 29.05
C ARG A 82 1.49 -5.24 27.69
N GLY A 83 0.38 -5.83 27.27
CA GLY A 83 0.36 -6.60 26.05
C GLY A 83 -1.02 -7.18 25.88
N ARG A 84 -1.20 -7.87 24.76
CA ARG A 84 -2.50 -8.39 24.36
C ARG A 84 -2.52 -9.89 24.59
N MET A 85 -3.47 -10.40 25.34
CA MET A 85 -3.52 -11.82 25.65
C MET A 85 -4.50 -12.47 24.67
N VAL A 86 -3.97 -13.17 23.68
CA VAL A 86 -4.78 -13.73 22.61
C VAL A 86 -5.15 -15.16 22.96
N HIS A 87 -6.45 -15.44 23.05
CA HIS A 87 -7.00 -16.77 23.39
C HIS A 87 -7.52 -17.46 22.15
N VAL A 88 -6.70 -18.29 21.53
CA VAL A 88 -7.04 -18.99 20.30
C VAL A 88 -7.24 -20.46 20.65
N PRO A 89 -8.36 -21.06 20.26
CA PRO A 89 -8.60 -22.47 20.61
C PRO A 89 -7.51 -23.38 20.04
N GLY A 90 -7.04 -24.30 20.86
CA GLY A 90 -6.00 -25.24 20.47
C GLY A 90 -4.63 -24.97 21.07
N THR A 91 -4.37 -23.77 21.59
CA THR A 91 -3.11 -23.40 22.22
C THR A 91 -3.38 -22.65 23.52
N PRO A 92 -2.39 -22.58 24.42
CA PRO A 92 -2.53 -21.73 25.62
C PRO A 92 -2.70 -20.28 25.23
N PRO A 93 -3.30 -19.46 26.08
CA PRO A 93 -3.35 -18.02 25.79
C PRO A 93 -1.94 -17.48 25.62
N ASN A 94 -1.79 -16.54 24.67
CA ASN A 94 -0.49 -16.10 24.23
C ASN A 94 -0.39 -14.58 24.37
N LEU A 95 0.58 -14.12 25.15
CA LEU A 95 0.69 -12.69 25.47
C LEU A 95 1.58 -12.02 24.44
N GLN A 96 1.03 -11.07 23.70
CA GLN A 96 1.85 -10.37 22.74
C GLN A 96 2.19 -8.99 23.30
N PRO A 97 3.45 -8.70 23.61
CA PRO A 97 3.79 -7.41 24.20
C PRO A 97 3.45 -6.28 23.25
N TYR A 98 3.09 -5.15 23.85
CA TYR A 98 2.85 -3.93 23.09
C TYR A 98 4.18 -3.29 22.75
N GLY A 99 4.32 -2.90 21.49
CA GLY A 99 5.54 -2.26 21.00
C GLY A 99 6.79 -3.04 21.33
N ARG A 100 7.90 -2.29 21.43
CA ARG A 100 9.26 -2.83 21.46
C ARG A 100 9.86 -2.94 22.87
N ASP A 101 9.50 -2.04 23.80
CA ASP A 101 10.07 -2.03 25.14
C ASP A 101 8.94 -1.92 26.17
N ASP A 102 9.30 -1.99 27.45
CA ASP A 102 8.33 -2.06 28.54
C ASP A 102 7.62 -0.74 28.84
N SER A 103 8.07 0.37 28.24
CA SER A 103 7.45 1.67 28.44
C SER A 103 6.23 1.89 27.56
N GLU A 104 5.94 0.99 26.63
CA GLU A 104 4.81 1.14 25.70
C GLU A 104 3.65 0.28 26.20
N VAL A 105 2.70 0.92 26.87
CA VAL A 105 1.58 0.23 27.51
C VAL A 105 0.32 1.02 27.21
N ILE A 106 -0.83 0.34 27.32
CA ILE A 106 -2.14 0.93 27.29
C ILE A 106 -2.66 0.88 28.72
N TRP A 107 -3.48 1.84 29.07
CA TRP A 107 -4.01 1.93 30.42
C TRP A 107 -5.49 1.68 30.37
N SER A 108 -6.00 0.88 31.30
CA SER A 108 -7.44 0.67 31.39
C SER A 108 -7.94 1.61 32.48
N ILE A 109 -8.84 2.53 32.13
CA ILE A 109 -9.29 3.56 33.05
C ILE A 109 -10.82 3.56 33.10
N ASN A 110 -11.36 3.67 34.30
CA ASN A 110 -12.81 3.74 34.42
C ASN A 110 -13.34 5.04 33.84
N ARG A 111 -14.41 4.99 33.02
CA ARG A 111 -14.88 6.23 32.39
CA ARG A 111 -14.92 6.20 32.38
C ARG A 111 -15.40 7.23 33.40
N ASP A 112 -16.13 6.79 34.41
CA ASP A 112 -16.68 7.72 35.38
C ASP A 112 -15.60 8.37 36.23
N ARG A 113 -14.57 7.59 36.60
CA ARG A 113 -13.43 8.17 37.32
C ARG A 113 -12.74 9.24 36.47
N LEU A 114 -12.50 8.94 35.17
CA LEU A 114 -11.87 9.92 34.28
C LEU A 114 -12.71 11.19 34.19
N ASN A 115 -14.03 11.04 33.98
CA ASN A 115 -14.94 12.18 33.91
C ASN A 115 -14.87 13.07 35.17
N ARG A 116 -14.88 12.45 36.35
CA ARG A 116 -14.79 13.17 37.61
CA ARG A 116 -14.79 13.17 37.61
C ARG A 116 -13.47 13.94 37.72
N ILE A 117 -12.38 13.30 37.35
CA ILE A 117 -11.09 14.00 37.37
C ILE A 117 -11.11 15.18 36.40
N LEU A 118 -11.73 15.01 35.24
CA LEU A 118 -11.73 16.10 34.26
C LEU A 118 -12.63 17.23 34.71
N LEU A 119 -13.78 16.90 35.35
CA LEU A 119 -14.68 17.91 35.90
C LEU A 119 -14.00 18.74 36.97
N ASP A 120 -13.34 18.07 37.91
CA ASP A 120 -12.58 18.77 38.92
C ASP A 120 -11.54 19.69 38.28
N GLY A 121 -10.87 19.21 37.22
CA GLY A 121 -9.81 20.00 36.59
C GLY A 121 -10.33 21.21 35.87
N ALA A 122 -11.50 21.09 35.23
CA ALA A 122 -12.10 22.24 34.57
C ALA A 122 -12.53 23.28 35.57
N GLU A 123 -13.19 22.86 36.65
CA GLU A 123 -13.58 23.82 37.67
C GLU A 123 -12.37 24.47 38.34
N ALA A 124 -11.26 23.74 38.50
CA ALA A 124 -10.10 24.36 39.16
C ALA A 124 -9.46 25.43 38.29
N ALA A 125 -9.54 25.29 36.97
CA ALA A 125 -9.05 26.25 35.98
C ALA A 125 -9.99 27.43 35.81
N GLY A 126 -11.17 27.38 36.43
CA GLY A 126 -12.09 28.48 36.42
C GLY A 126 -13.35 28.30 35.59
N ALA A 127 -13.58 27.15 34.98
CA ALA A 127 -14.83 26.98 34.22
C ALA A 127 -16.03 26.77 35.15
N SER A 128 -17.19 27.22 34.70
CA SER A 128 -18.46 27.04 35.41
C SER A 128 -19.22 25.90 34.76
N ILE A 129 -19.58 24.87 35.53
CA ILE A 129 -20.26 23.71 34.96
C ILE A 129 -21.69 23.69 35.48
N HIS A 130 -22.63 23.68 34.55
CA HIS A 130 -24.07 23.70 34.85
C HIS A 130 -24.65 22.36 34.46
N PHE A 131 -25.10 21.59 35.44
CA PHE A 131 -25.60 20.26 35.16
C PHE A 131 -27.13 20.26 35.10
N ASN A 132 -27.70 19.11 34.67
CA ASN A 132 -29.15 18.90 34.52
C ASN A 132 -29.78 19.87 33.54
N LEU A 133 -29.02 20.29 32.52
CA LEU A 133 -29.48 21.26 31.52
C LEU A 133 -29.12 20.71 30.16
N GLY A 134 -30.08 20.24 29.40
CA GLY A 134 -29.81 19.63 28.10
C GLY A 134 -30.18 20.61 27.00
N LEU A 135 -29.30 20.73 26.03
CA LEU A 135 -29.54 21.64 24.91
C LEU A 135 -30.66 21.09 24.07
N ASP A 136 -31.65 21.93 23.78
CA ASP A 136 -32.79 21.53 22.98
C ASP A 136 -32.79 22.13 21.58
N SER A 137 -32.30 23.36 21.42
CA SER A 137 -32.23 23.97 20.09
C SER A 137 -31.32 25.18 20.10
N VAL A 138 -30.97 25.61 18.91
CA VAL A 138 -30.11 26.76 18.75
C VAL A 138 -30.78 27.66 17.74
N ASP A 139 -30.69 28.96 17.96
CA ASP A 139 -31.11 29.92 16.94
C ASP A 139 -29.83 30.63 16.54
N PHE A 140 -29.28 30.28 15.38
CA PHE A 140 -27.99 30.83 14.99
C PHE A 140 -28.06 32.31 14.59
N ALA A 141 -29.21 32.79 14.10
CA ALA A 141 -29.27 34.19 13.68
C ALA A 141 -29.40 35.13 14.86
N ARG A 142 -30.15 34.72 15.90
CA ARG A 142 -30.31 35.50 17.11
C ARG A 142 -29.26 35.20 18.15
N GLN A 143 -28.38 34.24 17.89
CA GLN A 143 -27.30 33.84 18.80
C GLN A 143 -27.81 33.40 20.16
N ARG A 144 -28.98 32.75 20.21
CA ARG A 144 -29.50 32.21 21.46
C ARG A 144 -29.66 30.70 21.38
N LEU A 145 -29.67 30.05 22.54
CA LEU A 145 -29.96 28.63 22.55
C LEU A 145 -30.99 28.35 23.63
N THR A 146 -31.63 27.21 23.49
CA THR A 146 -32.68 26.81 24.41
C THR A 146 -32.22 25.54 25.12
N LEU A 147 -32.18 25.59 26.45
CA LEU A 147 -31.87 24.46 27.32
C LEU A 147 -33.13 24.03 28.07
N SER A 148 -33.12 22.81 28.62
CA SER A 148 -34.25 22.40 29.44
C SER A 148 -33.83 21.26 30.36
N ASN A 149 -34.45 21.19 31.54
CA ASN A 149 -34.24 20.05 32.42
C ASN A 149 -35.02 18.82 31.92
N VAL A 150 -35.01 17.74 32.71
CA VAL A 150 -35.68 16.50 32.29
C VAL A 150 -37.19 16.69 32.22
N SER A 151 -37.76 17.47 33.15
CA SER A 151 -39.19 17.68 33.18
C SER A 151 -39.68 18.52 32.00
N GLY A 152 -38.77 19.18 31.27
CA GLY A 152 -39.10 19.88 30.04
C GLY A 152 -39.16 21.39 30.14
N GLU A 153 -38.97 21.97 31.33
CA GLU A 153 -38.95 23.42 31.52
C GLU A 153 -37.73 24.05 30.85
N ARG A 154 -37.97 25.11 30.09
CA ARG A 154 -37.03 25.63 29.11
C ARG A 154 -36.36 26.90 29.61
N LEU A 155 -35.10 27.09 29.20
CA LEU A 155 -34.32 28.27 29.59
C LEU A 155 -33.52 28.72 28.38
N GLU A 156 -33.52 30.03 28.10
CA GLU A 156 -32.75 30.59 26.98
C GLU A 156 -31.49 31.26 27.49
N LYS A 157 -30.42 31.15 26.69
CA LYS A 157 -29.15 31.80 26.94
C LYS A 157 -28.59 32.37 25.63
N ARG A 158 -28.03 33.57 25.71
CA ARG A 158 -27.19 34.07 24.64
C ARG A 158 -25.89 33.28 24.57
N PHE A 159 -25.32 33.16 23.36
CA PHE A 159 -23.99 32.58 23.26
C PHE A 159 -23.19 33.39 22.27
N HIS A 160 -21.87 33.30 22.38
CA HIS A 160 -20.95 33.92 21.43
C HIS A 160 -20.18 32.91 20.59
N LEU A 161 -19.75 31.82 21.20
CA LEU A 161 -19.09 30.77 20.47
C LEU A 161 -19.62 29.48 21.09
N LEU A 162 -20.01 28.52 20.25
CA LEU A 162 -20.62 27.31 20.76
C LEU A 162 -19.78 26.11 20.36
N ILE A 163 -19.40 25.27 21.33
CA ILE A 163 -18.65 24.06 21.06
C ILE A 163 -19.59 22.89 21.36
N GLY A 164 -19.88 22.08 20.35
CA GLY A 164 -20.71 20.90 20.50
C GLY A 164 -19.82 19.71 20.83
N ALA A 165 -19.76 19.38 22.09
CA ALA A 165 -19.00 18.27 22.62
C ALA A 165 -19.97 17.25 23.20
N ASP A 166 -21.11 17.08 22.52
CA ASP A 166 -22.25 16.41 23.14
C ASP A 166 -22.49 15.00 22.57
N GLY A 167 -21.44 14.27 22.18
CA GLY A 167 -21.59 12.83 21.96
C GLY A 167 -22.12 12.46 20.59
N CYS A 168 -22.28 11.15 20.36
CA CYS A 168 -22.63 10.62 19.04
CA CYS A 168 -22.61 10.66 19.03
C CYS A 168 -23.97 11.10 18.57
N ASN A 169 -24.89 11.42 19.51
CA ASN A 169 -26.24 11.90 19.18
C ASN A 169 -26.39 13.41 19.41
N SER A 170 -25.42 14.18 18.93
CA SER A 170 -25.23 15.57 19.34
C SER A 170 -26.43 16.45 18.97
N ALA A 171 -26.98 17.14 19.98
CA ALA A 171 -27.98 18.16 19.71
C ALA A 171 -27.39 19.36 18.94
N VAL A 172 -26.10 19.66 19.15
CA VAL A 172 -25.53 20.79 18.41
C VAL A 172 -25.43 20.45 16.92
N ARG A 173 -25.05 19.22 16.61
CA ARG A 173 -24.94 18.83 15.20
C ARG A 173 -26.29 18.87 14.50
N GLN A 174 -27.32 18.40 15.20
CA GLN A 174 -28.68 18.54 14.71
C GLN A 174 -29.05 20.00 14.50
N ALA A 175 -28.74 20.88 15.46
CA ALA A 175 -29.09 22.28 15.22
C ALA A 175 -28.28 22.89 14.06
N MET A 176 -27.01 22.48 13.88
CA MET A 176 -26.26 22.99 12.74
C MET A 176 -26.88 22.59 11.41
N ALA A 177 -27.58 21.46 11.36
CA ALA A 177 -28.25 21.06 10.12
C ALA A 177 -29.38 21.99 9.73
N SER A 178 -29.63 23.04 10.52
CA SER A 178 -30.58 24.05 10.11
C SER A 178 -29.95 25.10 9.20
N VAL A 179 -28.66 25.39 9.39
CA VAL A 179 -28.04 26.55 8.78
C VAL A 179 -26.95 26.19 7.78
N VAL A 180 -26.41 24.96 7.80
CA VAL A 180 -25.42 24.51 6.83
C VAL A 180 -25.66 23.04 6.55
N ASP A 181 -25.22 22.61 5.36
CA ASP A 181 -25.21 21.19 4.99
C ASP A 181 -23.91 20.60 5.51
N LEU A 182 -24.02 19.72 6.49
CA LEU A 182 -22.85 19.04 7.02
C LEU A 182 -22.38 17.90 6.12
N GLY A 183 -23.20 17.51 5.15
CA GLY A 183 -22.91 16.40 4.27
C GLY A 183 -22.71 15.12 5.06
N GLU A 184 -23.68 14.76 5.89
CA GLU A 184 -23.57 13.57 6.73
C GLU A 184 -23.82 12.30 5.94
N HIS A 185 -23.01 11.28 6.19
CA HIS A 185 -23.21 9.94 5.65
C HIS A 185 -23.10 8.97 6.80
N LEU A 186 -24.20 8.29 7.09
CA LEU A 186 -24.22 7.32 8.16
C LEU A 186 -23.95 5.93 7.57
N GLU A 187 -22.97 5.22 8.12
CA GLU A 187 -22.67 3.87 7.68
C GLU A 187 -22.90 2.95 8.87
N THR A 188 -23.98 2.18 8.82
CA THR A 188 -24.32 1.29 9.91
C THR A 188 -23.34 0.12 9.93
N GLN A 189 -23.26 -0.52 11.09
CA GLN A 189 -22.38 -1.66 11.22
C GLN A 189 -23.20 -2.90 11.56
N PRO A 190 -22.99 -4.02 10.88
CA PRO A 190 -23.76 -5.22 11.18
C PRO A 190 -23.52 -5.81 12.57
N HIS A 191 -22.45 -5.44 13.27
CA HIS A 191 -22.21 -5.97 14.62
C HIS A 191 -22.89 -5.11 15.66
N GLY A 192 -23.62 -5.75 16.57
CA GLY A 192 -23.96 -5.16 17.85
C GLY A 192 -22.99 -5.63 18.92
N TYR A 193 -23.21 -5.18 20.15
CA TYR A 193 -22.34 -5.61 21.25
C TYR A 193 -23.14 -5.80 22.53
N LYS A 194 -22.65 -6.69 23.38
CA LYS A 194 -23.24 -6.88 24.70
C LYS A 194 -22.14 -6.98 25.74
N GLU A 195 -22.29 -6.28 26.86
CA GLU A 195 -21.32 -6.30 27.94
C GLU A 195 -21.69 -7.36 28.95
N LEU A 196 -20.74 -8.23 29.26
CA LEU A 196 -20.86 -9.29 30.24
C LEU A 196 -19.77 -9.08 31.28
N GLN A 197 -19.92 -9.71 32.43
CA GLN A 197 -19.06 -9.38 33.54
C GLN A 197 -18.30 -10.61 34.00
N ILE A 198 -17.03 -10.43 34.35
CA ILE A 198 -16.28 -11.42 35.11
C ILE A 198 -16.01 -10.84 36.50
N THR A 199 -16.41 -11.56 37.56
CA THR A 199 -16.15 -11.04 38.88
C THR A 199 -14.69 -11.21 39.28
N PRO A 200 -14.24 -10.44 40.28
CA PRO A 200 -12.86 -10.64 40.80
C PRO A 200 -12.57 -12.06 41.28
N GLU A 201 -13.51 -12.68 42.01
CA GLU A 201 -13.36 -14.07 42.43
C GLU A 201 -13.15 -14.99 41.23
N ALA A 202 -13.98 -14.82 40.19
CA ALA A 202 -13.86 -15.66 39.01
C ALA A 202 -12.58 -15.39 38.24
N SER A 203 -12.19 -14.13 38.08
CA SER A 203 -10.93 -13.92 37.37
C SER A 203 -9.77 -14.47 38.20
N ALA A 204 -9.81 -14.31 39.52
CA ALA A 204 -8.74 -14.88 40.34
C ALA A 204 -8.76 -16.40 40.29
N GLN A 205 -9.95 -17.00 40.36
CA GLN A 205 -10.02 -18.47 40.36
C GLN A 205 -9.46 -19.04 39.06
N PHE A 206 -9.65 -18.36 37.94
CA PHE A 206 -9.20 -18.90 36.66
C PHE A 206 -7.88 -18.30 36.19
N ASN A 207 -7.18 -17.57 37.08
CA ASN A 207 -5.88 -16.95 36.81
C ASN A 207 -5.86 -16.09 35.54
N LEU A 208 -6.93 -15.35 35.30
CA LEU A 208 -6.95 -14.45 34.15
C LEU A 208 -6.02 -13.26 34.41
N GLU A 209 -5.03 -13.05 33.56
CA GLU A 209 -4.01 -12.02 33.78
C GLU A 209 -4.60 -10.61 33.90
N PRO A 210 -4.39 -9.91 35.02
CA PRO A 210 -4.98 -8.55 35.15
C PRO A 210 -4.27 -7.52 34.30
N ASN A 211 -2.98 -7.66 34.05
CA ASN A 211 -2.28 -6.55 33.41
C ASN A 211 -2.16 -6.76 31.90
N ALA A 212 -3.27 -7.16 31.26
CA ALA A 212 -3.28 -7.38 29.82
C ALA A 212 -4.66 -7.08 29.26
N LEU A 213 -4.72 -6.87 27.96
CA LEU A 213 -5.99 -6.82 27.25
C LEU A 213 -6.21 -8.18 26.64
N HIS A 214 -7.40 -8.75 26.85
CA HIS A 214 -7.70 -10.13 26.45
C HIS A 214 -8.64 -10.17 25.27
N ILE A 215 -8.27 -10.96 24.25
N ILE A 215 -8.27 -10.93 24.23
CA ILE A 215 -9.03 -11.12 23.03
CA ILE A 215 -9.12 -11.08 23.06
C ILE A 215 -9.39 -12.59 22.82
C ILE A 215 -9.40 -12.55 22.80
N TRP A 216 -10.65 -12.85 22.48
CA TRP A 216 -11.09 -14.16 22.02
C TRP A 216 -11.55 -14.02 20.58
N PRO A 217 -10.66 -14.17 19.59
CA PRO A 217 -11.09 -14.06 18.19
C PRO A 217 -11.94 -15.25 17.76
N HIS A 218 -12.87 -15.00 16.86
CA HIS A 218 -13.68 -16.10 16.37
C HIS A 218 -14.27 -15.77 15.00
N GLY A 219 -13.51 -15.08 14.16
CA GLY A 219 -13.98 -14.87 12.79
C GLY A 219 -14.98 -13.74 12.70
N ASP A 220 -16.25 -14.05 12.45
CA ASP A 220 -17.25 -12.97 12.33
C ASP A 220 -17.76 -12.49 13.68
N TYR A 221 -17.33 -13.10 14.77
CA TYR A 221 -17.65 -12.60 16.09
C TYR A 221 -16.43 -12.78 17.00
N MET A 222 -16.47 -12.15 18.16
CA MET A 222 -15.31 -12.18 19.05
C MET A 222 -15.74 -11.58 20.37
N CYS A 223 -14.92 -11.83 21.41
CA CYS A 223 -15.05 -11.16 22.70
C CYS A 223 -13.77 -10.41 23.04
N ILE A 224 -13.92 -9.30 23.74
CA ILE A 224 -12.78 -8.55 24.29
C ILE A 224 -13.01 -8.27 25.76
N ALA A 225 -11.92 -8.24 26.55
CA ALA A 225 -12.06 -8.00 27.99
C ALA A 225 -10.98 -7.05 28.45
N LEU A 226 -11.41 -5.98 29.15
CA LEU A 226 -10.56 -5.00 29.79
C LEU A 226 -10.64 -5.14 31.29
N PRO A 227 -9.51 -5.10 31.99
CA PRO A 227 -9.54 -5.25 33.45
C PRO A 227 -9.86 -3.94 34.16
N ASN A 228 -10.44 -4.09 35.33
CA ASN A 228 -10.73 -3.02 36.27
C ASN A 228 -9.74 -3.11 37.43
N LEU A 229 -9.63 -2.04 38.22
CA LEU A 229 -8.69 -2.04 39.35
C LEU A 229 -8.99 -3.12 40.35
N ASP A 230 -10.24 -3.56 40.46
CA ASP A 230 -10.55 -4.53 41.50
C ASP A 230 -10.52 -5.94 40.96
N ARG A 231 -9.89 -6.13 39.80
CA ARG A 231 -9.63 -7.44 39.21
C ARG A 231 -10.88 -7.99 38.54
N SER A 232 -12.01 -7.28 38.56
CA SER A 232 -13.10 -7.72 37.69
C SER A 232 -12.74 -7.34 36.26
N PHE A 233 -13.39 -8.00 35.29
CA PHE A 233 -13.28 -7.62 33.88
C PHE A 233 -14.65 -7.38 33.30
N THR A 234 -14.74 -6.42 32.38
CA THR A 234 -15.92 -6.26 31.55
C THR A 234 -15.63 -6.89 30.19
N VAL A 235 -16.42 -7.90 29.82
CA VAL A 235 -16.28 -8.63 28.56
C VAL A 235 -17.27 -8.06 27.56
N THR A 236 -16.79 -7.73 26.37
CA THR A 236 -17.67 -7.27 25.32
C THR A 236 -17.75 -8.32 24.22
N LEU A 237 -18.94 -8.82 23.97
CA LEU A 237 -19.20 -9.69 22.84
C LEU A 237 -19.61 -8.82 21.65
N PHE A 238 -18.89 -8.95 20.54
CA PHE A 238 -19.29 -8.35 19.26
C PHE A 238 -19.89 -9.44 18.37
N LEU A 239 -21.11 -9.23 17.91
CA LEU A 239 -21.81 -10.29 17.20
C LEU A 239 -22.86 -9.65 16.29
N HIS A 240 -23.04 -10.21 15.09
CA HIS A 240 -24.06 -9.75 14.14
C HIS A 240 -25.41 -9.63 14.82
N HIS A 241 -26.12 -8.53 14.54
CA HIS A 241 -27.53 -8.44 14.95
C HIS A 241 -28.35 -9.56 14.33
N GLN A 242 -28.30 -9.66 13.00
CA GLN A 242 -29.09 -10.64 12.26
C GLN A 242 -28.17 -11.57 11.48
N SER A 243 -28.64 -12.74 11.25
CA SER A 243 -27.91 -13.68 10.41
C SER A 243 -28.13 -13.33 8.95
N PRO A 244 -27.09 -13.36 8.13
CA PRO A 244 -27.28 -13.07 6.70
C PRO A 244 -28.09 -14.17 6.03
N ALA A 245 -28.76 -13.81 4.93
CA ALA A 245 -29.60 -14.78 4.23
C ALA A 245 -28.75 -15.91 3.64
N ALA A 246 -27.54 -15.58 3.16
CA ALA A 246 -26.64 -16.59 2.63
C ALA A 246 -26.15 -17.55 3.72
N GLN A 247 -25.90 -17.04 4.92
CA GLN A 247 -25.44 -17.85 6.03
C GLN A 247 -26.55 -17.94 7.09
N PRO A 248 -27.63 -18.69 6.83
CA PRO A 248 -28.78 -18.61 7.74
C PRO A 248 -28.54 -19.18 9.13
N ALA A 249 -27.61 -20.11 9.29
CA ALA A 249 -27.30 -20.69 10.60
C ALA A 249 -26.18 -19.96 11.33
N SER A 250 -25.61 -18.92 10.76
CA SER A 250 -24.50 -18.24 11.42
C SER A 250 -24.99 -17.59 12.70
N PRO A 251 -24.21 -17.69 13.80
CA PRO A 251 -24.59 -17.04 15.05
C PRO A 251 -24.95 -15.57 14.83
N SER A 252 -25.94 -15.12 15.58
CA SER A 252 -26.34 -13.72 15.63
C SER A 252 -27.13 -13.49 16.90
N PHE A 253 -27.30 -12.22 17.28
CA PHE A 253 -28.07 -11.94 18.48
C PHE A 253 -29.50 -12.44 18.37
N ALA A 254 -30.14 -12.25 17.21
CA ALA A 254 -31.52 -12.68 17.06
C ALA A 254 -31.72 -14.14 17.42
N GLN A 255 -30.71 -14.98 17.19
CA GLN A 255 -30.76 -16.39 17.55
C GLN A 255 -30.49 -16.66 19.02
N LEU A 256 -30.04 -15.65 19.78
CA LEU A 256 -29.80 -15.80 21.21
C LEU A 256 -30.89 -15.04 21.96
N VAL A 257 -32.04 -15.70 22.08
CA VAL A 257 -33.24 -15.03 22.57
C VAL A 257 -33.20 -14.85 24.09
N ASP A 258 -32.63 -15.81 24.82
CA ASP A 258 -32.61 -15.76 26.28
C ASP A 258 -31.23 -16.20 26.78
N GLY A 259 -31.08 -16.15 28.11
CA GLY A 259 -29.80 -16.46 28.73
C GLY A 259 -29.34 -17.88 28.49
N HIS A 260 -30.27 -18.83 28.38
CA HIS A 260 -29.86 -20.22 28.29
C HIS A 260 -29.33 -20.55 26.90
N ALA A 261 -29.89 -19.95 25.86
CA ALA A 261 -29.29 -20.11 24.54
C ALA A 261 -27.91 -19.46 24.50
N ALA A 262 -27.81 -18.22 24.99
CA ALA A 262 -26.53 -17.53 25.19
C ALA A 262 -25.48 -18.44 25.81
N ARG A 263 -25.84 -19.14 26.90
CA ARG A 263 -24.90 -20.02 27.58
C ARG A 263 -24.44 -21.16 26.68
N ARG A 264 -25.39 -21.80 25.96
CA ARG A 264 -24.99 -22.92 25.13
C ARG A 264 -24.06 -22.45 24.02
N PHE A 265 -24.36 -21.29 23.46
CA PHE A 265 -23.44 -20.65 22.53
C PHE A 265 -22.03 -20.50 23.13
N PHE A 266 -21.93 -19.97 24.35
CA PHE A 266 -20.60 -19.72 24.89
C PHE A 266 -19.86 -21.02 25.19
N GLN A 267 -20.56 -22.03 25.73
CA GLN A 267 -19.91 -23.30 26.02
C GLN A 267 -19.37 -23.94 24.75
N ARG A 268 -20.08 -23.79 23.63
CA ARG A 268 -19.59 -24.39 22.40
C ARG A 268 -18.49 -23.55 21.73
N GLN A 269 -18.66 -22.24 21.67
CA GLN A 269 -17.78 -21.39 20.88
C GLN A 269 -16.73 -20.65 21.71
N PHE A 270 -16.94 -20.47 23.01
CA PHE A 270 -15.93 -19.89 23.89
C PHE A 270 -15.74 -20.74 25.15
N PRO A 271 -15.33 -22.00 24.99
CA PRO A 271 -15.42 -22.93 26.13
C PRO A 271 -14.48 -22.60 27.29
N ASP A 272 -13.37 -21.86 27.08
CA ASP A 272 -12.51 -21.48 28.21
C ASP A 272 -12.95 -20.18 28.89
N LEU A 273 -13.77 -19.39 28.23
CA LEU A 273 -14.33 -18.16 28.78
C LEU A 273 -15.68 -18.37 29.50
N SER A 274 -16.52 -19.23 28.97
CA SER A 274 -17.82 -19.53 29.59
C SER A 274 -17.76 -19.80 31.10
N PRO A 275 -16.85 -20.64 31.62
CA PRO A 275 -16.84 -20.89 33.08
C PRO A 275 -16.61 -19.64 33.89
N MET A 276 -16.00 -18.60 33.31
CA MET A 276 -15.71 -17.36 34.03
C MET A 276 -16.88 -16.40 34.10
N LEU A 277 -17.87 -16.57 33.24
CA LEU A 277 -19.01 -15.65 33.17
C LEU A 277 -20.14 -16.23 34.00
N ASP A 278 -20.15 -15.92 35.30
CA ASP A 278 -21.13 -16.52 36.20
C ASP A 278 -22.53 -16.03 35.90
N SER A 279 -22.67 -14.72 35.68
CA SER A 279 -23.99 -14.13 35.44
C SER A 279 -24.26 -13.90 33.95
N LEU A 280 -23.73 -14.78 33.10
CA LEU A 280 -23.95 -14.69 31.65
C LEU A 280 -25.43 -14.61 31.32
N GLU A 281 -26.24 -15.49 31.91
CA GLU A 281 -27.68 -15.48 31.63
C GLU A 281 -28.30 -14.11 31.98
N GLN A 282 -28.12 -13.66 33.22
CA GLN A 282 -28.78 -12.43 33.68
C GLN A 282 -28.30 -11.23 32.88
N ASP A 283 -26.98 -11.12 32.70
CA ASP A 283 -26.42 -10.00 31.94
C ASP A 283 -27.02 -9.96 30.54
N PHE A 284 -27.12 -11.13 29.89
CA PHE A 284 -27.59 -11.18 28.52
C PHE A 284 -28.99 -10.61 28.36
N GLU A 285 -29.86 -10.83 29.35
CA GLU A 285 -31.26 -10.44 29.23
C GLU A 285 -31.56 -9.04 29.74
N HIS A 286 -30.75 -8.50 30.67
CA HIS A 286 -30.98 -7.19 31.27
C HIS A 286 -30.01 -6.12 30.77
N HIS A 287 -28.99 -6.49 30.03
CA HIS A 287 -28.19 -5.43 29.43
C HIS A 287 -28.60 -5.28 27.98
N PRO A 288 -28.86 -4.06 27.52
CA PRO A 288 -29.28 -3.86 26.14
C PRO A 288 -28.16 -4.15 25.15
N THR A 289 -28.54 -4.67 23.98
CA THR A 289 -27.62 -4.86 22.87
C THR A 289 -27.32 -3.51 22.21
N GLY A 290 -26.03 -3.13 22.13
CA GLY A 290 -25.68 -1.83 21.64
C GLY A 290 -25.49 -1.86 20.15
N LYS A 291 -25.61 -0.68 19.56
CA LYS A 291 -25.50 -0.50 18.11
C LYS A 291 -24.20 0.24 17.78
N LEU A 292 -23.59 -0.13 16.66
CA LEU A 292 -22.34 0.51 16.22
C LEU A 292 -22.55 1.21 14.88
N ALA A 293 -21.93 2.37 14.72
CA ALA A 293 -22.07 3.07 13.46
C ALA A 293 -20.91 4.05 13.29
N THR A 294 -20.62 4.35 12.02
CA THR A 294 -19.63 5.34 11.63
C THR A 294 -20.37 6.50 10.96
N LEU A 295 -20.17 7.72 11.45
CA LEU A 295 -20.85 8.88 10.90
C LEU A 295 -19.80 9.88 10.44
N ARG A 296 -19.83 10.22 9.15
CA ARG A 296 -18.83 11.07 8.52
C ARG A 296 -19.48 12.38 8.08
N LEU A 297 -18.79 13.50 8.34
CA LEU A 297 -19.27 14.85 8.06
C LEU A 297 -18.25 15.56 7.18
N THR A 298 -18.74 16.27 6.17
CA THR A 298 -17.80 17.06 5.36
C THR A 298 -17.41 18.36 6.03
N THR A 299 -18.25 18.90 6.89
CA THR A 299 -17.88 20.11 7.61
C THR A 299 -18.30 20.04 9.09
N TRP A 300 -17.47 20.64 9.91
CA TRP A 300 -17.67 20.59 11.34
C TRP A 300 -18.08 21.89 11.96
N HIS A 301 -18.26 22.98 11.20
CA HIS A 301 -18.50 24.26 11.87
C HIS A 301 -19.46 25.12 11.08
N VAL A 302 -20.02 26.13 11.76
CA VAL A 302 -20.81 27.17 11.10
C VAL A 302 -20.08 28.49 11.29
N GLY A 303 -19.55 29.05 10.20
CA GLY A 303 -18.79 30.30 10.27
C GLY A 303 -17.88 30.32 11.50
N GLY A 304 -17.96 31.37 12.30
CA GLY A 304 -17.28 31.45 13.60
C GLY A 304 -18.14 31.16 14.82
N GLN A 305 -19.36 30.69 14.63
CA GLN A 305 -20.32 30.61 15.72
C GLN A 305 -20.27 29.30 16.46
N ALA A 306 -20.04 28.18 15.76
CA ALA A 306 -20.20 26.86 16.38
C ALA A 306 -19.30 25.86 15.69
N VAL A 307 -18.78 24.87 16.45
CA VAL A 307 -17.93 23.81 15.93
C VAL A 307 -18.25 22.52 16.70
N LEU A 308 -18.05 21.40 16.04
CA LEU A 308 -18.21 20.11 16.68
C LEU A 308 -16.85 19.51 17.04
N LEU A 309 -16.82 18.70 18.10
CA LEU A 309 -15.65 17.84 18.25
C LEU A 309 -15.99 16.57 19.00
N GLY A 310 -15.06 15.61 18.92
CA GLY A 310 -15.26 14.36 19.63
C GLY A 310 -16.25 13.50 18.88
N ASP A 311 -17.01 12.70 19.64
CA ASP A 311 -18.07 11.89 19.08
C ASP A 311 -19.11 12.73 18.33
N ALA A 312 -19.39 13.96 18.78
CA ALA A 312 -20.32 14.80 18.03
C ALA A 312 -19.84 15.00 16.59
N ALA A 313 -18.51 15.00 16.40
CA ALA A 313 -18.00 15.26 15.07
C ALA A 313 -17.78 14.00 14.27
N HIS A 314 -17.41 12.88 14.87
CA HIS A 314 -16.94 11.72 14.10
C HIS A 314 -17.17 10.44 14.86
N PRO A 315 -18.43 10.09 15.09
CA PRO A 315 -18.74 8.78 15.69
C PRO A 315 -18.02 7.69 14.89
N MET A 316 -17.47 6.72 15.60
CA MET A 316 -16.69 5.68 14.96
C MET A 316 -16.91 4.37 15.73
N VAL A 317 -16.61 3.27 15.07
CA VAL A 317 -16.80 1.99 15.72
C VAL A 317 -15.64 1.83 16.70
N PRO A 318 -15.86 1.18 17.84
CA PRO A 318 -14.86 1.20 18.91
C PRO A 318 -13.71 0.22 18.73
N PHE A 319 -13.51 -0.30 17.52
CA PHE A 319 -12.63 -1.46 17.41
C PHE A 319 -11.15 -1.15 17.54
N HIS A 320 -10.73 0.12 17.64
CA HIS A 320 -9.33 0.47 17.88
C HIS A 320 -9.09 1.04 19.28
N GLY A 321 -10.11 1.23 20.10
CA GLY A 321 -9.93 1.91 21.40
C GLY A 321 -9.40 3.31 21.23
N GLN A 322 -9.84 4.04 20.21
CA GLN A 322 -9.28 5.33 19.90
C GLN A 322 -10.28 6.46 19.99
N GLY A 323 -11.56 6.19 20.28
CA GLY A 323 -12.55 7.25 20.28
C GLY A 323 -12.27 8.32 21.32
N MET A 324 -12.05 7.90 22.56
CA MET A 324 -11.72 8.87 23.59
CA MET A 324 -11.73 8.87 23.58
C MET A 324 -10.35 9.47 23.35
N ASN A 325 -9.39 8.64 22.91
CA ASN A 325 -8.07 9.15 22.59
C ASN A 325 -8.16 10.23 21.53
N CYS A 326 -8.95 9.99 20.50
CA CYS A 326 -9.15 10.99 19.46
C CYS A 326 -9.88 12.20 19.99
N ALA A 327 -10.89 11.99 20.86
CA ALA A 327 -11.65 13.09 21.45
C ALA A 327 -10.75 14.02 22.24
N LEU A 328 -9.86 13.46 23.08
CA LEU A 328 -8.94 14.28 23.88
C LEU A 328 -7.96 15.01 22.98
N GLU A 329 -7.44 14.32 21.97
CA GLU A 329 -6.57 14.99 21.01
C GLU A 329 -7.30 16.12 20.24
N ASP A 330 -8.58 15.93 19.90
CA ASP A 330 -9.35 17.02 19.27
C ASP A 330 -9.41 18.25 20.18
N ALA A 331 -9.69 18.02 21.45
CA ALA A 331 -9.84 19.11 22.39
C ALA A 331 -8.57 19.92 22.46
N VAL A 332 -7.41 19.26 22.51
CA VAL A 332 -6.13 19.99 22.51
C VAL A 332 -6.01 20.86 21.27
N ALA A 333 -6.30 20.29 20.10
CA ALA A 333 -6.11 21.01 18.86
C ALA A 333 -7.11 22.15 18.75
N LEU A 334 -8.35 21.93 19.18
CA LEU A 334 -9.33 23.00 19.14
C LEU A 334 -8.91 24.13 20.08
N ALA A 335 -8.45 23.80 21.30
CA ALA A 335 -8.01 24.87 22.19
C ALA A 335 -6.83 25.65 21.60
N GLU A 336 -5.85 24.98 20.98
CA GLU A 336 -4.71 25.71 20.39
C GLU A 336 -5.13 26.62 19.24
N HIS A 337 -6.04 26.17 18.40
CA HIS A 337 -6.46 27.01 17.29
C HIS A 337 -7.24 28.22 17.81
N LEU A 338 -8.14 28.01 18.77
CA LEU A 338 -8.91 29.13 19.31
C LEU A 338 -8.01 30.13 20.02
N GLN A 339 -6.98 29.64 20.70
CA GLN A 339 -6.14 30.53 21.50
C GLN A 339 -5.34 31.46 20.63
N SER A 340 -4.93 31.01 19.45
CA SER A 340 -3.94 31.72 18.64
C SER A 340 -4.45 32.30 17.33
N ALA A 341 -5.72 32.15 16.98
CA ALA A 341 -6.17 32.56 15.65
C ALA A 341 -6.50 34.05 15.63
N ALA A 342 -6.51 34.61 14.41
CA ALA A 342 -6.92 36.00 14.21
C ALA A 342 -8.34 36.24 14.73
N ASP A 343 -9.25 35.27 14.56
CA ASP A 343 -10.64 35.38 14.98
C ASP A 343 -11.19 33.97 15.08
N ASN A 344 -12.40 33.85 15.66
CA ASN A 344 -12.99 32.53 15.84
C ASN A 344 -13.28 31.86 14.52
N ALA A 345 -13.72 32.62 13.52
CA ALA A 345 -14.00 32.02 12.23
C ALA A 345 -12.75 31.36 11.64
N SER A 346 -11.59 32.05 11.65
CA SER A 346 -10.39 31.43 11.11
C SER A 346 -9.97 30.23 11.94
N ALA A 347 -10.13 30.30 13.25
CA ALA A 347 -9.77 29.19 14.11
C ALA A 347 -10.56 27.95 13.75
N LEU A 348 -11.89 28.08 13.58
CA LEU A 348 -12.72 26.89 13.41
C LEU A 348 -12.47 26.26 12.04
N ALA A 349 -12.27 27.10 11.02
CA ALA A 349 -11.89 26.61 9.71
C ALA A 349 -10.56 25.84 9.76
N ALA A 350 -9.51 26.45 10.36
CA ALA A 350 -8.21 25.77 10.49
C ALA A 350 -8.30 24.50 11.36
N PHE A 351 -9.14 24.51 12.38
CA PHE A 351 -9.31 23.27 13.17
C PHE A 351 -9.91 22.16 12.31
N THR A 352 -11.01 22.46 11.61
CA THR A 352 -11.68 21.45 10.78
C THR A 352 -10.75 20.96 9.68
N ALA A 353 -10.02 21.89 9.04
CA ALA A 353 -9.10 21.48 7.98
C ALA A 353 -7.98 20.59 8.52
N GLN A 354 -7.48 20.87 9.72
CA GLN A 354 -6.46 19.99 10.29
C GLN A 354 -7.04 18.62 10.70
N ARG A 355 -8.21 18.59 11.35
CA ARG A 355 -8.60 17.35 12.04
C ARG A 355 -9.51 16.44 11.23
N GLN A 356 -10.14 16.94 10.17
CA GLN A 356 -11.15 16.19 9.46
C GLN A 356 -10.51 15.05 8.64
N PRO A 357 -9.38 15.31 7.95
CA PRO A 357 -8.67 14.20 7.32
C PRO A 357 -8.24 13.16 8.32
N ASP A 358 -7.86 13.58 9.53
CA ASP A 358 -7.37 12.63 10.54
C ASP A 358 -8.51 11.81 11.12
N ALA A 359 -9.64 12.45 11.41
CA ALA A 359 -10.82 11.69 11.84
C ALA A 359 -11.24 10.68 10.78
N LEU A 360 -11.23 11.04 9.50
CA LEU A 360 -11.53 10.05 8.47
C LEU A 360 -10.57 8.87 8.56
N ALA A 361 -9.26 9.14 8.73
CA ALA A 361 -8.30 8.06 8.78
C ALA A 361 -8.57 7.11 9.94
N ILE A 362 -8.86 7.64 11.14
CA ILE A 362 -9.05 6.74 12.26
C ILE A 362 -10.38 6.00 12.15
N GLN A 363 -11.40 6.63 11.58
CA GLN A 363 -12.64 5.92 11.30
C GLN A 363 -12.37 4.70 10.42
N ALA A 364 -11.55 4.86 9.39
CA ALA A 364 -11.29 3.74 8.49
C ALA A 364 -10.43 2.67 9.17
N MET A 365 -9.43 3.08 9.96
CA MET A 365 -8.58 2.09 10.63
C MET A 365 -9.32 1.33 11.73
N ALA A 366 -10.28 1.98 12.39
CA ALA A 366 -11.05 1.27 13.41
C ALA A 366 -11.90 0.16 12.79
N LEU A 367 -12.54 0.43 11.64
CA LEU A 367 -13.28 -0.63 10.93
C LEU A 367 -12.36 -1.79 10.60
N GLU A 368 -11.20 -1.49 9.99
CA GLU A 368 -10.27 -2.53 9.55
C GLU A 368 -9.71 -3.30 10.72
N ASN A 369 -9.56 -2.65 11.89
CA ASN A 369 -8.97 -3.34 13.02
C ASN A 369 -9.86 -4.45 13.54
N TYR A 370 -11.14 -4.45 13.18
CA TYR A 370 -11.99 -5.57 13.55
C TYR A 370 -11.47 -6.85 12.91
N VAL A 371 -11.16 -6.78 11.62
CA VAL A 371 -10.64 -7.96 10.93
C VAL A 371 -9.35 -8.41 11.57
N GLU A 372 -8.46 -7.46 11.90
CA GLU A 372 -7.18 -7.82 12.48
C GLU A 372 -7.36 -8.60 13.78
N MET A 373 -8.21 -8.08 14.67
CA MET A 373 -8.41 -8.68 15.99
C MET A 373 -9.13 -10.03 15.91
N SER A 374 -10.13 -10.17 15.03
CA SER A 374 -10.96 -11.36 15.09
C SER A 374 -10.63 -12.44 14.07
N SER A 375 -10.03 -12.10 12.92
CA SER A 375 -9.73 -13.18 11.95
C SER A 375 -8.24 -13.25 11.60
N LYS A 376 -7.51 -12.14 11.72
CA LYS A 376 -6.12 -12.15 11.27
C LYS A 376 -5.20 -12.81 12.30
N VAL A 377 -5.39 -12.51 13.60
CA VAL A 377 -4.45 -12.95 14.64
C VAL A 377 -4.29 -14.47 14.70
N ALA A 378 -5.16 -15.24 14.03
CA ALA A 378 -5.12 -16.70 14.08
C ALA A 378 -4.86 -17.38 12.74
N SER A 379 -4.44 -16.60 11.70
CA SER A 379 -4.16 -17.27 10.43
C SER A 379 -2.67 -17.46 10.23
N PRO A 380 -2.26 -18.48 9.48
CA PRO A 380 -0.82 -18.69 9.25
C PRO A 380 -0.14 -17.56 8.47
N THR A 381 -0.84 -16.98 7.49
CA THR A 381 -0.22 -15.95 6.65
C THR A 381 0.11 -14.70 7.44
N TYR A 382 -0.81 -14.23 8.29
CA TYR A 382 -0.59 -13.01 9.07
C TYR A 382 0.55 -13.19 10.07
N LEU A 383 0.80 -14.40 10.54
CA LEU A 383 1.90 -14.62 11.48
C LEU A 383 3.24 -14.33 10.82
N LEU A 384 3.47 -14.89 9.63
CA LEU A 384 4.72 -14.66 8.92
C LEU A 384 4.95 -13.17 8.66
N GLU A 385 3.90 -12.46 8.27
CA GLU A 385 4.03 -11.03 8.00
C GLU A 385 4.37 -10.24 9.26
N ARG A 386 3.77 -10.62 10.40
CA ARG A 386 4.03 -9.89 11.64
C ARG A 386 5.45 -10.11 12.11
N GLU A 387 5.98 -11.31 11.89
CA GLU A 387 7.34 -11.65 12.24
C GLU A 387 8.33 -10.96 11.31
N LEU A 388 8.02 -10.89 10.03
CA LEU A 388 8.84 -10.09 9.13
C LEU A 388 8.73 -8.61 9.46
N GLY A 389 7.58 -8.18 9.97
CA GLY A 389 7.44 -6.79 10.34
C GLY A 389 8.33 -6.39 11.50
N GLN A 390 8.54 -7.31 12.45
CA GLN A 390 9.36 -6.94 13.59
C GLN A 390 10.84 -6.89 13.20
N ILE A 391 11.28 -7.76 12.30
CA ILE A 391 12.62 -7.68 11.72
C ILE A 391 12.82 -6.32 11.05
N MET A 392 11.81 -5.82 10.34
CA MET A 392 12.00 -4.59 9.59
C MET A 392 12.08 -3.39 10.51
N ALA A 393 11.31 -3.41 11.59
CA ALA A 393 11.37 -2.36 12.60
C ALA A 393 12.73 -2.34 13.30
N GLN A 394 13.45 -3.46 13.32
CA GLN A 394 14.74 -3.44 13.97
C GLN A 394 15.82 -2.90 13.04
N ARG A 395 15.80 -3.28 11.76
CA ARG A 395 16.80 -2.82 10.82
C ARG A 395 16.55 -1.37 10.35
N GLN A 396 15.30 -0.91 10.34
CA GLN A 396 14.93 0.44 9.91
C GLN A 396 13.94 1.01 10.93
N PRO A 397 14.42 1.41 12.11
CA PRO A 397 13.48 1.78 13.19
C PRO A 397 12.77 3.11 12.99
N THR A 398 13.34 4.04 12.23
CA THR A 398 12.69 5.33 11.95
C THR A 398 11.84 5.30 10.69
N ARG A 399 11.82 4.19 9.97
CA ARG A 399 11.05 4.09 8.74
C ARG A 399 9.90 3.11 8.85
N PHE A 400 10.17 1.89 9.35
CA PHE A 400 9.14 0.88 9.50
C PHE A 400 8.67 0.91 10.96
N ILE A 401 7.52 1.54 11.19
CA ILE A 401 6.90 1.53 12.51
C ILE A 401 5.53 0.88 12.35
N PRO A 402 5.25 -0.22 13.05
CA PRO A 402 4.02 -0.96 12.79
C PRO A 402 2.82 -0.06 12.96
N ARG A 403 1.80 -0.29 12.13
CA ARG A 403 0.66 0.62 12.11
C ARG A 403 -0.02 0.70 13.48
N TYR A 404 -0.21 -0.44 14.13
CA TYR A 404 -0.83 -0.40 15.45
C TYR A 404 0.01 0.46 16.39
N SER A 405 1.33 0.38 16.28
CA SER A 405 2.20 1.21 17.11
C SER A 405 2.07 2.69 16.77
N MET A 406 1.92 3.05 15.48
CA MET A 406 1.86 4.48 15.17
C MET A 406 0.55 5.10 15.67
N VAL A 407 -0.55 4.37 15.55
CA VAL A 407 -1.85 4.82 16.05
C VAL A 407 -1.82 4.93 17.57
N THR A 408 -1.38 3.86 18.23
CA THR A 408 -1.58 3.68 19.66
C THR A 408 -0.48 4.31 20.48
N PHE A 409 0.77 4.35 19.99
CA PHE A 409 1.88 4.77 20.82
C PHE A 409 2.64 5.98 20.30
N SER A 410 2.16 6.62 19.24
CA SER A 410 2.75 7.87 18.76
C SER A 410 1.65 8.91 18.54
N ARG A 411 2.06 10.13 18.21
CA ARG A 411 1.13 11.21 17.91
C ARG A 411 1.24 11.63 16.46
N LEU A 412 1.72 10.72 15.62
CA LEU A 412 1.72 10.98 14.20
C LEU A 412 0.28 11.21 13.75
N PRO A 413 0.02 12.24 12.93
CA PRO A 413 -1.34 12.49 12.45
C PRO A 413 -1.94 11.20 11.89
N TYR A 414 -3.20 10.92 12.25
CA TYR A 414 -3.80 9.64 11.86
C TYR A 414 -3.74 9.40 10.36
N ALA A 415 -3.88 10.47 9.54
CA ALA A 415 -3.80 10.28 8.10
C ALA A 415 -2.40 9.82 7.68
N GLN A 416 -1.36 10.36 8.31
CA GLN A 416 -0.03 9.90 7.92
C GLN A 416 0.22 8.48 8.38
N ALA A 417 -0.31 8.12 9.56
CA ALA A 417 -0.20 6.74 10.02
C ALA A 417 -0.87 5.79 9.05
N MET A 418 -2.07 6.15 8.56
CA MET A 418 -2.77 5.27 7.64
C MET A 418 -2.01 5.14 6.34
N ALA A 419 -1.56 6.29 5.79
CA ALA A 419 -0.87 6.28 4.50
C ALA A 419 0.41 5.46 4.58
N ARG A 420 1.20 5.64 5.65
CA ARG A 420 2.40 4.83 5.81
C ARG A 420 2.06 3.37 6.09
N GLY A 421 0.95 3.12 6.79
CA GLY A 421 0.55 1.75 7.05
C GLY A 421 0.15 1.01 5.79
N GLN A 422 -0.50 1.70 4.84
CA GLN A 422 -0.84 1.05 3.59
C GLN A 422 0.42 0.65 2.82
N ILE A 423 1.45 1.50 2.85
CA ILE A 423 2.70 1.16 2.16
C ILE A 423 3.40 -0.03 2.82
N GLN A 424 3.46 -0.04 4.15
CA GLN A 424 4.01 -1.19 4.88
C GLN A 424 3.21 -2.46 4.60
N GLU A 425 1.88 -2.37 4.60
CA GLU A 425 1.05 -3.56 4.41
C GLU A 425 1.31 -4.19 3.05
N GLN A 426 1.41 -3.36 2.01
CA GLN A 426 1.64 -3.93 0.69
C GLN A 426 3.07 -4.43 0.53
N LEU A 427 4.02 -3.78 1.19
CA LEU A 427 5.38 -4.29 1.25
C LEU A 427 5.43 -5.68 1.91
N LEU A 428 4.85 -5.82 3.09
CA LEU A 428 4.88 -7.13 3.75
C LEU A 428 4.12 -8.17 2.94
N LYS A 429 2.97 -7.78 2.37
CA LYS A 429 2.14 -8.72 1.61
C LYS A 429 2.88 -9.28 0.41
N PHE A 430 3.66 -8.47 -0.30
CA PHE A 430 4.36 -8.98 -1.47
C PHE A 430 5.58 -9.78 -1.10
N ALA A 431 6.24 -9.40 0.00
CA ALA A 431 7.43 -10.11 0.45
C ALA A 431 7.12 -11.56 0.82
N VAL A 432 6.01 -11.80 1.52
CA VAL A 432 5.70 -13.15 2.01
C VAL A 432 4.89 -13.98 1.03
N ALA A 433 4.23 -13.37 0.04
CA ALA A 433 3.47 -14.13 -0.94
C ALA A 433 4.32 -15.26 -1.52
N ASN A 434 3.71 -16.44 -1.67
CA ASN A 434 4.34 -17.60 -2.31
C ASN A 434 5.57 -18.06 -1.55
N HIS A 435 5.62 -17.75 -0.26
CA HIS A 435 6.66 -18.23 0.65
C HIS A 435 6.00 -18.75 1.91
N SER A 436 6.43 -19.92 2.36
CA SER A 436 5.89 -20.59 3.53
C SER A 436 6.66 -20.28 4.82
N ASP A 437 7.98 -20.25 4.77
CA ASP A 437 8.80 -19.96 5.94
C ASP A 437 9.48 -18.61 5.79
N LEU A 438 10.04 -18.12 6.89
CA LEU A 438 10.89 -16.94 6.83
C LEU A 438 12.23 -17.24 6.16
N THR A 439 12.61 -18.51 6.05
CA THR A 439 13.91 -18.84 5.49
C THR A 439 14.00 -18.50 4.00
N SER A 440 12.88 -18.59 3.27
CA SER A 440 12.90 -18.36 1.83
C SER A 440 12.61 -16.91 1.43
N ILE A 441 12.69 -15.97 2.38
CA ILE A 441 12.43 -14.55 2.12
C ILE A 441 13.77 -13.80 2.15
N ASN A 442 14.03 -13.03 1.10
CA ASN A 442 15.24 -12.20 1.03
C ASN A 442 15.03 -10.96 1.88
N LEU A 443 15.73 -10.89 3.02
CA LEU A 443 15.43 -9.84 3.99
C LEU A 443 15.94 -8.49 3.52
N ASP A 444 17.15 -8.46 2.93
CA ASP A 444 17.72 -7.21 2.42
C ASP A 444 16.90 -6.64 1.26
N ALA A 445 16.31 -7.52 0.43
CA ALA A 445 15.35 -7.08 -0.58
C ALA A 445 14.18 -6.34 0.05
N VAL A 446 13.60 -6.90 1.10
CA VAL A 446 12.49 -6.24 1.77
C VAL A 446 12.97 -4.92 2.38
N GLU A 447 14.14 -4.94 3.02
CA GLU A 447 14.67 -3.74 3.66
C GLU A 447 14.93 -2.64 2.64
N HIS A 448 15.39 -3.02 1.44
CA HIS A 448 15.60 -2.03 0.39
C HIS A 448 14.31 -1.37 -0.05
N GLU A 449 13.19 -2.10 -0.04
CA GLU A 449 11.93 -1.44 -0.35
C GLU A 449 11.44 -0.56 0.80
N VAL A 450 11.80 -0.88 2.05
CA VAL A 450 11.52 0.04 3.13
C VAL A 450 12.19 1.39 2.86
N THR A 451 13.48 1.37 2.50
CA THR A 451 14.23 2.62 2.30
C THR A 451 13.80 3.38 1.04
N ARG A 452 13.38 2.66 -0.02
CA ARG A 452 12.88 3.31 -1.23
C ARG A 452 11.48 3.91 -1.06
N CYS A 453 10.68 3.42 -0.12
CA CYS A 453 9.26 3.75 -0.07
C CYS A 453 8.83 4.45 1.21
N LEU A 454 9.62 4.41 2.26
CA LEU A 454 9.21 4.95 3.56
C LEU A 454 10.17 6.05 4.00
N PRO A 455 9.79 7.32 3.93
CA PRO A 455 10.68 8.41 4.41
C PRO A 455 10.89 8.30 5.91
N PRO A 456 12.09 8.62 6.41
CA PRO A 456 12.35 8.44 7.84
C PRO A 456 11.73 9.54 8.69
N LEU A 457 11.39 9.16 9.92
CA LEU A 457 10.81 10.06 10.90
C LEU A 457 11.82 10.44 11.98
N ALA B 7 -10.22 -30.73 -29.20
CA ALA B 7 -9.08 -29.87 -28.90
C ALA B 7 -9.46 -28.78 -27.88
N ARG B 8 -8.54 -28.50 -26.96
CA ARG B 8 -8.77 -27.46 -25.96
CA ARG B 8 -8.76 -27.46 -25.96
C ARG B 8 -8.72 -26.08 -26.61
N GLN B 9 -9.54 -25.16 -26.08
CA GLN B 9 -9.78 -23.87 -26.73
C GLN B 9 -9.25 -22.73 -25.86
N VAL B 10 -8.63 -21.72 -26.49
CA VAL B 10 -8.10 -20.57 -25.76
C VAL B 10 -8.28 -19.32 -26.64
N THR B 11 -8.66 -18.23 -25.99
CA THR B 11 -8.73 -16.90 -26.60
C THR B 11 -7.64 -16.04 -25.98
N ILE B 12 -6.85 -15.37 -26.82
CA ILE B 12 -5.73 -14.54 -26.33
C ILE B 12 -6.01 -13.10 -26.75
N ILE B 13 -5.94 -12.18 -25.81
CA ILE B 13 -6.13 -10.75 -26.13
C ILE B 13 -4.76 -10.12 -26.24
N GLY B 14 -4.42 -9.62 -27.42
CA GLY B 14 -3.17 -8.88 -27.56
C GLY B 14 -2.15 -9.64 -28.37
N ALA B 15 -1.90 -9.23 -29.61
CA ALA B 15 -0.89 -9.91 -30.43
C ALA B 15 0.41 -9.16 -30.38
N GLY B 16 0.90 -8.92 -29.16
CA GLY B 16 2.16 -8.26 -28.92
C GLY B 16 3.22 -9.32 -28.74
N LEU B 17 4.10 -9.21 -27.77
CA LEU B 17 5.18 -10.21 -27.75
C LEU B 17 4.77 -11.48 -26.98
N ALA B 18 4.28 -11.33 -25.76
CA ALA B 18 3.84 -12.51 -25.01
C ALA B 18 2.68 -13.24 -25.71
N GLY B 19 1.72 -12.47 -26.22
CA GLY B 19 0.50 -13.07 -26.73
C GLY B 19 0.75 -13.90 -27.97
N THR B 20 1.57 -13.40 -28.88
CA THR B 20 1.81 -14.15 -30.10
CA THR B 20 1.81 -14.13 -30.10
C THR B 20 2.72 -15.34 -29.85
N LEU B 21 3.67 -15.21 -28.93
CA LEU B 21 4.50 -16.37 -28.61
C LEU B 21 3.67 -17.45 -27.94
N VAL B 22 2.82 -17.09 -26.97
CA VAL B 22 2.03 -18.16 -26.34
C VAL B 22 1.06 -18.77 -27.36
N ALA B 23 0.51 -17.95 -28.27
CA ALA B 23 -0.36 -18.49 -29.33
C ALA B 23 0.35 -19.55 -30.16
N ARG B 24 1.62 -19.33 -30.49
CA ARG B 24 2.35 -20.33 -31.27
C ARG B 24 2.54 -21.62 -30.47
N LEU B 25 3.03 -21.50 -29.25
CA LEU B 25 3.33 -22.69 -28.45
C LEU B 25 2.05 -23.49 -28.20
N LEU B 26 0.92 -22.80 -27.98
CA LEU B 26 -0.31 -23.59 -27.78
C LEU B 26 -0.82 -24.22 -29.09
N ALA B 27 -0.84 -23.45 -30.19
CA ALA B 27 -1.37 -23.96 -31.45
C ALA B 27 -0.56 -25.14 -31.96
N ARG B 28 0.74 -25.12 -31.78
CA ARG B 28 1.48 -26.25 -32.29
C ARG B 28 1.31 -27.47 -31.41
N ASN B 29 0.85 -27.28 -30.16
CA ASN B 29 0.50 -28.38 -29.28
C ASN B 29 -0.92 -28.87 -29.49
N GLY B 30 -1.62 -28.34 -30.49
CA GLY B 30 -2.93 -28.88 -30.82
C GLY B 30 -4.10 -28.04 -30.34
N TRP B 31 -3.86 -26.99 -29.54
CA TRP B 31 -4.94 -26.14 -29.05
C TRP B 31 -5.61 -25.38 -30.19
N GLN B 32 -6.86 -25.05 -29.97
CA GLN B 32 -7.58 -24.22 -30.91
C GLN B 32 -7.44 -22.79 -30.39
N VAL B 33 -6.66 -21.97 -31.09
CA VAL B 33 -6.23 -20.66 -30.60
C VAL B 33 -6.85 -19.57 -31.46
N ASN B 34 -7.53 -18.61 -30.82
CA ASN B 34 -7.98 -17.36 -31.43
C ASN B 34 -7.33 -16.18 -30.73
N LEU B 35 -6.72 -15.31 -31.51
CA LEU B 35 -5.94 -14.20 -30.97
C LEU B 35 -6.53 -12.91 -31.54
N PHE B 36 -6.89 -11.98 -30.64
CA PHE B 36 -7.56 -10.74 -31.00
C PHE B 36 -6.63 -9.58 -30.69
N GLU B 37 -6.56 -8.62 -31.61
CA GLU B 37 -5.59 -7.56 -31.55
C GLU B 37 -6.24 -6.24 -31.99
N ARG B 38 -6.06 -5.20 -31.18
CA ARG B 38 -6.71 -3.91 -31.42
CA ARG B 38 -6.70 -3.91 -31.42
C ARG B 38 -6.15 -3.22 -32.68
N ARG B 39 -4.85 -3.34 -32.90
CA ARG B 39 -4.18 -2.63 -34.01
C ARG B 39 -4.45 -3.36 -35.33
N PRO B 40 -4.16 -2.73 -36.47
CA PRO B 40 -4.22 -3.46 -37.75
C PRO B 40 -3.05 -4.43 -37.84
N ASP B 41 -3.15 -5.37 -38.79
CA ASP B 41 -2.03 -6.29 -39.06
C ASP B 41 -0.83 -5.51 -39.62
N PRO B 42 0.31 -5.47 -38.94
CA PRO B 42 1.46 -4.71 -39.48
C PRO B 42 2.08 -5.34 -40.71
N ARG B 43 1.82 -6.64 -41.00
CA ARG B 43 2.34 -7.27 -42.20
C ARG B 43 1.60 -6.82 -43.46
N ILE B 44 0.48 -6.12 -43.32
CA ILE B 44 -0.23 -5.57 -44.47
C ILE B 44 0.44 -4.23 -44.72
N GLU B 45 1.31 -4.20 -45.68
CA GLU B 45 2.06 -2.99 -46.02
C GLU B 45 1.13 -1.86 -46.48
N THR B 46 1.28 -0.68 -45.87
CA THR B 46 0.58 0.53 -46.25
C THR B 46 1.59 1.56 -46.70
N GLY B 47 1.11 2.76 -47.01
CA GLY B 47 2.02 3.82 -47.40
C GLY B 47 2.53 4.64 -46.23
N ALA B 48 2.09 4.31 -45.02
CA ALA B 48 2.49 5.02 -43.81
C ALA B 48 3.98 4.89 -43.60
N ARG B 49 4.54 5.91 -42.92
CA ARG B 49 5.96 5.97 -42.60
C ARG B 49 6.24 5.12 -41.36
N GLY B 50 6.83 3.94 -41.57
CA GLY B 50 7.13 3.04 -40.46
C GLY B 50 7.98 3.63 -39.36
N ARG B 51 7.38 3.85 -38.19
CA ARG B 51 8.11 4.35 -37.03
C ARG B 51 8.66 3.16 -36.25
N SER B 52 9.99 3.12 -36.11
CA SER B 52 10.74 1.92 -35.77
C SER B 52 11.47 2.10 -34.44
N ILE B 53 11.01 1.44 -33.39
CA ILE B 53 11.79 1.43 -32.17
C ILE B 53 12.36 0.02 -31.91
N ASN B 54 13.50 0.03 -31.25
CA ASN B 54 14.34 -1.12 -30.97
C ASN B 54 14.21 -1.56 -29.53
N LEU B 55 14.46 -2.84 -29.31
CA LEU B 55 14.45 -3.52 -28.02
C LEU B 55 15.75 -4.30 -27.85
N ALA B 56 16.23 -4.44 -26.61
CA ALA B 56 17.39 -5.27 -26.33
C ALA B 56 16.91 -6.68 -25.97
N LEU B 57 17.31 -7.65 -26.76
CA LEU B 57 16.92 -9.05 -26.58
C LEU B 57 18.09 -9.78 -25.95
N ALA B 58 17.86 -10.39 -24.83
CA ALA B 58 18.94 -11.02 -24.10
C ALA B 58 18.69 -12.52 -24.08
N GLU B 59 19.47 -13.23 -23.25
CA GLU B 59 19.41 -14.69 -23.24
C GLU B 59 18.03 -15.24 -22.85
N ARG B 60 17.37 -14.68 -21.83
CA ARG B 60 16.05 -15.21 -21.49
C ARG B 60 15.13 -15.12 -22.68
N GLY B 61 15.10 -13.97 -23.34
CA GLY B 61 14.22 -13.83 -24.46
C GLY B 61 14.64 -14.73 -25.59
N ALA B 62 15.94 -14.84 -25.80
CA ALA B 62 16.43 -15.63 -26.90
C ALA B 62 16.14 -17.11 -26.70
N HIS B 63 16.26 -17.59 -25.46
CA HIS B 63 15.95 -18.98 -25.19
C HIS B 63 14.49 -19.29 -25.50
N ALA B 64 13.60 -18.35 -25.20
CA ALA B 64 12.18 -18.58 -25.45
C ALA B 64 11.91 -18.67 -26.95
N LEU B 65 12.57 -17.84 -27.75
CA LEU B 65 12.45 -17.93 -29.20
C LEU B 65 13.06 -19.22 -29.74
N ARG B 66 14.17 -19.66 -29.15
CA ARG B 66 14.76 -20.94 -29.53
C ARG B 66 13.77 -22.09 -29.30
N LEU B 67 13.12 -22.10 -28.16
CA LEU B 67 12.16 -23.18 -27.89
C LEU B 67 10.98 -23.09 -28.85
N ALA B 68 10.63 -21.87 -29.30
CA ALA B 68 9.55 -21.72 -30.28
C ALA B 68 9.96 -22.07 -31.71
N GLY B 69 11.25 -22.29 -31.99
CA GLY B 69 11.73 -22.47 -33.37
C GLY B 69 11.90 -21.18 -34.15
N LEU B 70 11.89 -20.01 -33.50
CA LEU B 70 11.96 -18.73 -34.19
C LEU B 70 13.28 -17.99 -33.97
N GLU B 71 14.26 -18.57 -33.28
CA GLU B 71 15.38 -17.74 -32.87
C GLU B 71 16.26 -17.36 -34.04
N ARG B 72 16.51 -18.28 -34.97
CA ARG B 72 17.41 -17.94 -36.08
C ARG B 72 16.81 -16.84 -36.94
N GLU B 73 15.49 -16.86 -37.15
CA GLU B 73 14.82 -15.85 -37.96
C GLU B 73 14.94 -14.47 -37.31
N VAL B 74 14.77 -14.41 -36.00
CA VAL B 74 14.84 -13.14 -35.29
C VAL B 74 16.27 -12.60 -35.27
N LEU B 75 17.23 -13.44 -34.92
CA LEU B 75 18.60 -12.95 -34.82
C LEU B 75 19.15 -12.54 -36.17
N ALA B 76 18.64 -13.12 -37.27
CA ALA B 76 19.10 -12.70 -38.58
C ALA B 76 18.84 -11.23 -38.80
N GLU B 77 17.91 -10.64 -38.07
CA GLU B 77 17.58 -9.23 -38.23
C GLU B 77 18.04 -8.40 -37.04
N ALA B 78 18.85 -8.95 -36.13
CA ALA B 78 19.27 -8.22 -34.94
C ALA B 78 20.73 -7.79 -35.04
N VAL B 79 21.05 -6.68 -34.41
CA VAL B 79 22.41 -6.16 -34.37
C VAL B 79 23.05 -6.56 -33.05
N MET B 80 24.24 -7.16 -33.11
CA MET B 80 24.94 -7.56 -31.89
C MET B 80 25.40 -6.34 -31.10
N MET B 81 25.13 -6.31 -29.81
CA MET B 81 25.69 -5.25 -28.95
C MET B 81 26.67 -5.93 -28.00
N ARG B 82 27.95 -5.66 -28.22
CA ARG B 82 29.03 -6.34 -27.49
C ARG B 82 29.31 -5.73 -26.13
N GLY B 83 28.83 -4.52 -25.88
CA GLY B 83 29.22 -3.79 -24.68
C GLY B 83 28.48 -2.48 -24.63
N ARG B 84 28.76 -1.70 -23.57
CA ARG B 84 28.16 -0.38 -23.38
C ARG B 84 29.19 0.69 -23.68
N MET B 85 28.80 1.67 -24.44
CA MET B 85 29.63 2.84 -24.68
C MET B 85 29.02 3.99 -23.89
N VAL B 86 29.72 4.45 -22.84
CA VAL B 86 29.33 5.60 -22.03
C VAL B 86 29.95 6.88 -22.61
N HIS B 87 29.12 7.87 -22.84
CA HIS B 87 29.56 9.14 -23.40
C HIS B 87 29.47 10.18 -22.30
N VAL B 88 30.61 10.74 -21.93
CA VAL B 88 30.73 11.87 -21.03
C VAL B 88 31.44 12.98 -21.81
N PRO B 89 30.91 14.20 -21.85
CA PRO B 89 31.56 15.26 -22.63
C PRO B 89 33.04 15.42 -22.30
N GLY B 90 33.84 15.61 -23.35
CA GLY B 90 35.26 15.77 -23.23
C GLY B 90 36.06 14.49 -23.43
N THR B 91 35.60 13.41 -22.83
CA THR B 91 36.32 12.13 -22.77
C THR B 91 36.01 11.27 -23.99
N PRO B 92 37.04 10.61 -24.54
CA PRO B 92 36.81 9.65 -25.64
C PRO B 92 35.90 8.52 -25.19
N PRO B 93 34.87 8.18 -25.97
CA PRO B 93 33.92 7.14 -25.54
C PRO B 93 34.62 5.80 -25.27
N ASN B 94 34.29 5.20 -24.11
CA ASN B 94 35.00 4.03 -23.60
CA ASN B 94 34.99 4.02 -23.60
C ASN B 94 34.08 2.81 -23.65
N LEU B 95 34.51 1.78 -24.37
CA LEU B 95 33.68 0.59 -24.57
C LEU B 95 33.90 -0.36 -23.41
N GLN B 96 32.82 -0.68 -22.70
CA GLN B 96 32.85 -1.68 -21.63
C GLN B 96 32.23 -2.96 -22.14
N PRO B 97 33.03 -3.96 -22.53
CA PRO B 97 32.48 -5.26 -22.91
C PRO B 97 31.57 -5.81 -21.82
N TYR B 98 30.53 -6.48 -22.28
CA TYR B 98 29.61 -7.22 -21.43
C TYR B 98 30.18 -8.53 -20.95
N GLY B 99 31.11 -9.11 -21.71
CA GLY B 99 31.58 -10.43 -21.38
C GLY B 99 32.92 -10.73 -22.01
N ARG B 100 33.32 -12.01 -21.89
CA ARG B 100 34.60 -12.45 -22.40
C ARG B 100 34.64 -12.45 -23.93
N ASP B 101 33.56 -12.90 -24.58
CA ASP B 101 33.56 -13.11 -26.02
C ASP B 101 32.17 -12.85 -26.57
N ASP B 102 32.02 -12.99 -27.88
CA ASP B 102 30.71 -12.67 -28.48
C ASP B 102 29.62 -13.64 -28.10
N SER B 103 29.89 -14.56 -27.18
CA SER B 103 28.81 -15.39 -26.65
C SER B 103 27.89 -14.58 -25.73
N GLU B 104 28.44 -13.59 -25.03
CA GLU B 104 27.72 -12.82 -24.03
C GLU B 104 27.49 -11.45 -24.62
N VAL B 105 26.38 -11.32 -25.34
CA VAL B 105 26.01 -10.13 -26.06
C VAL B 105 24.52 -9.96 -25.91
N ILE B 106 24.09 -8.74 -26.13
CA ILE B 106 22.68 -8.40 -26.22
C ILE B 106 22.42 -8.03 -27.67
N TRP B 107 21.22 -8.32 -28.11
CA TRP B 107 20.81 -8.14 -29.48
C TRP B 107 19.85 -6.97 -29.58
N SER B 108 20.10 -6.06 -30.51
CA SER B 108 19.18 -4.96 -30.80
C SER B 108 18.26 -5.40 -31.93
N ILE B 109 16.95 -5.38 -31.71
CA ILE B 109 16.01 -5.91 -32.69
C ILE B 109 14.89 -4.87 -32.84
N ASN B 110 14.51 -4.60 -34.09
CA ASN B 110 13.40 -3.70 -34.36
C ASN B 110 12.09 -4.33 -33.90
N ARG B 111 11.29 -3.60 -33.14
CA ARG B 111 10.11 -4.19 -32.51
CA ARG B 111 10.10 -4.19 -32.51
C ARG B 111 9.07 -4.65 -33.53
N ASP B 112 8.88 -3.89 -34.60
CA ASP B 112 7.91 -4.25 -35.64
C ASP B 112 8.36 -5.49 -36.39
N ARG B 113 9.66 -5.58 -36.73
CA ARG B 113 10.18 -6.81 -37.32
C ARG B 113 9.94 -8.02 -36.41
N LEU B 114 10.19 -7.88 -35.10
CA LEU B 114 9.98 -9.02 -34.20
C LEU B 114 8.51 -9.42 -34.19
N ASN B 115 7.61 -8.43 -34.13
CA ASN B 115 6.18 -8.71 -34.14
C ASN B 115 5.75 -9.49 -35.39
N ARG B 116 6.21 -9.07 -36.58
CA ARG B 116 5.85 -9.76 -37.82
CA ARG B 116 5.86 -9.77 -37.83
C ARG B 116 6.34 -11.21 -37.82
N ILE B 117 7.54 -11.44 -37.30
CA ILE B 117 8.08 -12.79 -37.26
C ILE B 117 7.24 -13.67 -36.36
N LEU B 118 6.87 -13.16 -35.19
CA LEU B 118 6.04 -13.89 -34.24
C LEU B 118 4.63 -14.09 -34.77
N LEU B 119 4.08 -13.10 -35.51
CA LEU B 119 2.74 -13.27 -36.06
C LEU B 119 2.74 -14.37 -37.10
N ASP B 120 3.74 -14.35 -37.98
CA ASP B 120 3.86 -15.43 -38.95
C ASP B 120 4.03 -16.77 -38.23
N GLY B 121 4.82 -16.79 -37.14
CA GLY B 121 5.05 -18.04 -36.45
C GLY B 121 3.79 -18.58 -35.82
N ALA B 122 2.98 -17.70 -35.22
CA ALA B 122 1.70 -18.13 -34.66
C ALA B 122 0.75 -18.64 -35.74
N GLU B 123 0.68 -17.96 -36.89
CA GLU B 123 -0.20 -18.48 -37.95
C GLU B 123 0.30 -19.79 -38.55
N ALA B 124 1.60 -19.94 -38.75
CA ALA B 124 2.11 -21.21 -39.29
C ALA B 124 1.78 -22.39 -38.37
N ALA B 125 1.73 -22.16 -37.06
CA ALA B 125 1.37 -23.22 -36.11
C ALA B 125 -0.13 -23.48 -36.08
N GLY B 126 -0.94 -22.59 -36.65
CA GLY B 126 -2.39 -22.80 -36.73
C GLY B 126 -3.25 -21.83 -35.97
N ALA B 127 -2.69 -20.85 -35.26
CA ALA B 127 -3.52 -19.87 -34.59
C ALA B 127 -4.31 -19.04 -35.59
N SER B 128 -5.47 -18.54 -35.19
CA SER B 128 -6.24 -17.60 -36.00
C SER B 128 -6.11 -16.24 -35.38
N ILE B 129 -5.65 -15.26 -36.15
CA ILE B 129 -5.38 -13.93 -35.63
C ILE B 129 -6.35 -12.95 -36.26
N HIS B 130 -7.01 -12.20 -35.40
CA HIS B 130 -8.12 -11.33 -35.74
C HIS B 130 -7.67 -9.93 -35.34
N PHE B 131 -7.48 -9.07 -36.31
CA PHE B 131 -6.98 -7.71 -36.06
C PHE B 131 -8.14 -6.70 -36.03
N ASN B 132 -7.80 -5.44 -35.65
CA ASN B 132 -8.76 -4.31 -35.61
C ASN B 132 -9.93 -4.59 -34.68
N LEU B 133 -9.67 -5.31 -33.60
CA LEU B 133 -10.71 -5.71 -32.65
C LEU B 133 -10.11 -5.57 -31.26
N GLY B 134 -10.54 -4.54 -30.52
CA GLY B 134 -10.04 -4.33 -29.18
C GLY B 134 -11.04 -4.80 -28.14
N LEU B 135 -10.54 -5.52 -27.15
CA LEU B 135 -11.40 -5.99 -26.08
C LEU B 135 -11.96 -4.81 -25.28
N ASP B 136 -13.28 -4.78 -25.10
CA ASP B 136 -13.94 -3.74 -24.32
C ASP B 136 -14.36 -4.19 -22.92
N SER B 137 -15.00 -5.35 -22.82
CA SER B 137 -15.43 -5.87 -21.53
C SER B 137 -15.54 -7.37 -21.60
N VAL B 138 -15.70 -7.99 -20.43
CA VAL B 138 -15.75 -9.42 -20.26
C VAL B 138 -16.91 -9.73 -19.31
N ASP B 139 -17.75 -10.65 -19.68
CA ASP B 139 -18.79 -11.12 -18.76
C ASP B 139 -18.33 -12.50 -18.29
N PHE B 140 -17.66 -12.58 -17.13
CA PHE B 140 -17.10 -13.85 -16.70
C PHE B 140 -18.19 -14.90 -16.47
N ALA B 141 -19.30 -14.49 -15.86
CA ALA B 141 -20.36 -15.45 -15.54
C ALA B 141 -20.97 -16.08 -16.79
N ARG B 142 -21.18 -15.29 -17.84
CA ARG B 142 -21.71 -15.83 -19.10
C ARG B 142 -20.64 -16.35 -20.03
N GLN B 143 -19.35 -16.14 -19.71
CA GLN B 143 -18.23 -16.49 -20.54
C GLN B 143 -18.36 -15.89 -21.94
N ARG B 144 -18.63 -14.59 -21.99
CA ARG B 144 -18.68 -13.85 -23.24
C ARG B 144 -17.83 -12.61 -23.12
N LEU B 145 -17.32 -12.14 -24.24
CA LEU B 145 -16.57 -10.91 -24.19
C LEU B 145 -17.03 -10.06 -25.34
N THR B 146 -16.76 -8.75 -25.22
CA THR B 146 -17.22 -7.74 -26.17
C THR B 146 -15.99 -7.08 -26.78
N LEU B 147 -15.85 -7.15 -28.09
CA LEU B 147 -14.77 -6.48 -28.79
C LEU B 147 -15.36 -5.40 -29.67
N SER B 148 -14.56 -4.42 -30.08
CA SER B 148 -15.05 -3.43 -31.03
C SER B 148 -13.88 -2.88 -31.84
N ASN B 149 -14.17 -2.36 -33.03
CA ASN B 149 -13.12 -1.74 -33.84
C ASN B 149 -12.87 -0.31 -33.36
N VAL B 150 -12.01 0.43 -34.07
CA VAL B 150 -11.77 1.84 -33.76
C VAL B 150 -13.08 2.63 -33.69
N SER B 151 -13.99 2.39 -34.64
CA SER B 151 -15.20 3.20 -34.71
C SER B 151 -16.33 2.61 -33.86
N GLY B 152 -16.03 1.70 -32.94
CA GLY B 152 -16.98 1.27 -31.94
C GLY B 152 -18.00 0.23 -32.35
N GLU B 153 -17.94 -0.28 -33.59
CA GLU B 153 -18.82 -1.38 -33.99
C GLU B 153 -18.51 -2.64 -33.16
N ARG B 154 -19.48 -3.12 -32.40
CA ARG B 154 -19.28 -4.15 -31.40
C ARG B 154 -19.41 -5.57 -31.96
N LEU B 155 -18.80 -6.52 -31.25
CA LEU B 155 -18.83 -7.93 -31.64
C LEU B 155 -18.70 -8.78 -30.38
N GLU B 156 -19.64 -9.69 -30.13
CA GLU B 156 -19.61 -10.56 -28.97
C GLU B 156 -19.10 -11.96 -29.33
N LYS B 157 -18.23 -12.51 -28.47
CA LYS B 157 -17.72 -13.87 -28.62
C LYS B 157 -17.77 -14.64 -27.29
N ARG B 158 -18.02 -15.93 -27.43
CA ARG B 158 -17.93 -16.81 -26.26
C ARG B 158 -16.46 -17.17 -26.09
N PHE B 159 -16.03 -17.36 -24.86
CA PHE B 159 -14.67 -17.83 -24.61
C PHE B 159 -14.73 -18.92 -23.57
N HIS B 160 -13.69 -19.74 -23.53
CA HIS B 160 -13.48 -20.77 -22.55
C HIS B 160 -12.32 -20.47 -21.61
N LEU B 161 -11.17 -20.16 -22.16
CA LEU B 161 -10.01 -19.73 -21.39
C LEU B 161 -9.55 -18.41 -21.98
N LEU B 162 -9.30 -17.42 -21.13
CA LEU B 162 -8.96 -16.10 -21.63
C LEU B 162 -7.55 -15.74 -21.17
N ILE B 163 -6.69 -15.36 -22.09
CA ILE B 163 -5.33 -14.98 -21.73
C ILE B 163 -5.18 -13.48 -22.02
N GLY B 164 -4.96 -12.70 -20.97
CA GLY B 164 -4.70 -11.27 -21.15
C GLY B 164 -3.24 -11.02 -21.41
N ALA B 165 -2.90 -10.78 -22.66
CA ALA B 165 -1.55 -10.49 -23.10
C ALA B 165 -1.56 -9.11 -23.75
N ASP B 166 -2.36 -8.22 -23.17
CA ASP B 166 -2.72 -6.98 -23.83
C ASP B 166 -2.03 -5.76 -23.21
N GLY B 167 -0.80 -5.93 -22.69
CA GLY B 167 0.09 -4.81 -22.43
C GLY B 167 -0.19 -4.09 -21.13
N CYS B 168 0.53 -2.97 -20.91
CA CYS B 168 0.51 -2.37 -19.59
CA CYS B 168 0.54 -2.27 -19.63
C CYS B 168 -0.84 -1.75 -19.25
N ASN B 169 -1.67 -1.43 -20.24
CA ASN B 169 -3.01 -0.95 -19.89
C ASN B 169 -4.06 -1.98 -20.24
N SER B 170 -3.78 -3.24 -19.93
CA SER B 170 -4.64 -4.38 -20.12
C SER B 170 -6.11 -4.13 -19.80
N ALA B 171 -6.98 -4.36 -20.79
CA ALA B 171 -8.40 -4.40 -20.53
C ALA B 171 -8.84 -5.73 -19.90
N VAL B 172 -8.09 -6.82 -20.08
CA VAL B 172 -8.40 -8.06 -19.35
C VAL B 172 -8.19 -7.84 -17.85
N ARG B 173 -7.07 -7.23 -17.45
CA ARG B 173 -6.91 -6.92 -16.03
C ARG B 173 -8.03 -6.01 -15.50
N GLN B 174 -8.41 -4.98 -16.26
CA GLN B 174 -9.54 -4.15 -15.87
C GLN B 174 -10.80 -4.97 -15.64
N ALA B 175 -11.05 -5.95 -16.50
CA ALA B 175 -12.28 -6.73 -16.39
C ALA B 175 -12.21 -7.70 -15.20
N MET B 176 -11.04 -8.31 -14.97
CA MET B 176 -10.84 -9.15 -13.78
C MET B 176 -11.01 -8.34 -12.50
N ALA B 177 -10.55 -7.09 -12.47
CA ALA B 177 -10.68 -6.27 -11.27
C ALA B 177 -12.13 -5.99 -10.88
N SER B 178 -13.10 -6.61 -11.55
CA SER B 178 -14.49 -6.49 -11.18
C SER B 178 -15.09 -7.77 -10.59
N VAL B 179 -14.44 -8.91 -10.78
CA VAL B 179 -14.87 -10.14 -10.11
C VAL B 179 -13.89 -10.61 -9.04
N VAL B 180 -12.66 -10.09 -9.00
CA VAL B 180 -11.72 -10.44 -7.94
C VAL B 180 -10.98 -9.18 -7.54
N ASP B 181 -10.68 -9.07 -6.25
CA ASP B 181 -9.75 -8.04 -5.81
C ASP B 181 -8.35 -8.44 -6.29
N LEU B 182 -7.81 -7.71 -7.26
CA LEU B 182 -6.46 -8.02 -7.73
C LEU B 182 -5.38 -7.50 -6.80
N GLY B 183 -5.72 -6.67 -5.81
CA GLY B 183 -4.76 -6.21 -4.85
C GLY B 183 -3.63 -5.50 -5.56
N GLU B 184 -3.98 -4.49 -6.36
CA GLU B 184 -3.01 -3.79 -7.20
C GLU B 184 -2.32 -2.70 -6.41
N HIS B 185 -1.03 -2.50 -6.69
CA HIS B 185 -0.26 -1.44 -6.06
C HIS B 185 0.48 -0.74 -7.18
N LEU B 186 0.03 0.47 -7.52
CA LEU B 186 0.62 1.22 -8.62
C LEU B 186 1.69 2.19 -8.12
N GLU B 187 2.89 2.17 -8.74
CA GLU B 187 3.92 3.11 -8.34
C GLU B 187 4.35 3.92 -9.56
N THR B 188 3.91 5.17 -9.60
CA THR B 188 4.31 6.08 -10.65
C THR B 188 5.80 6.32 -10.63
N GLN B 189 6.33 6.61 -11.80
CA GLN B 189 7.70 6.94 -12.03
C GLN B 189 7.78 8.38 -12.49
N PRO B 190 8.64 9.23 -11.93
CA PRO B 190 8.66 10.64 -12.36
C PRO B 190 9.26 10.88 -13.73
N HIS B 191 9.94 9.89 -14.32
CA HIS B 191 10.55 10.08 -15.64
C HIS B 191 9.54 9.82 -16.74
N GLY B 192 9.47 10.72 -17.72
CA GLY B 192 8.91 10.38 -19.01
C GLY B 192 10.03 9.98 -19.97
N TYR B 193 9.63 9.59 -21.17
CA TYR B 193 10.61 9.29 -22.21
C TYR B 193 10.14 9.83 -23.55
N LYS B 194 11.09 10.15 -24.40
CA LYS B 194 10.78 10.60 -25.75
C LYS B 194 11.72 9.91 -26.72
N GLU B 195 11.21 9.44 -27.85
CA GLU B 195 12.06 8.71 -28.80
C GLU B 195 12.51 9.66 -29.90
N LEU B 196 13.79 9.61 -30.23
CA LEU B 196 14.43 10.45 -31.24
C LEU B 196 15.26 9.56 -32.19
N GLN B 197 15.72 10.12 -33.29
CA GLN B 197 16.34 9.34 -34.35
C GLN B 197 17.72 9.91 -34.69
N ILE B 198 18.68 9.02 -34.93
CA ILE B 198 19.95 9.35 -35.58
C ILE B 198 19.97 8.63 -36.94
N THR B 199 20.18 9.38 -38.03
CA THR B 199 20.18 8.77 -39.36
C THR B 199 21.44 7.94 -39.58
N PRO B 200 21.44 7.07 -40.60
CA PRO B 200 22.67 6.33 -40.96
C PRO B 200 23.82 7.24 -41.33
N GLU B 201 23.53 8.31 -42.08
CA GLU B 201 24.58 9.24 -42.47
C GLU B 201 25.18 9.89 -41.24
N ALA B 202 24.33 10.31 -40.31
CA ALA B 202 24.83 11.03 -39.15
C ALA B 202 25.66 10.12 -38.26
N SER B 203 25.22 8.89 -38.01
CA SER B 203 26.00 8.03 -37.12
C SER B 203 27.37 7.68 -37.73
N ALA B 204 27.42 7.44 -39.05
CA ALA B 204 28.71 7.22 -39.69
C ALA B 204 29.59 8.47 -39.65
N GLN B 205 29.00 9.64 -39.84
CA GLN B 205 29.80 10.87 -39.82
C GLN B 205 30.45 11.12 -38.45
N PHE B 206 29.83 10.68 -37.36
CA PHE B 206 30.40 10.87 -36.03
C PHE B 206 30.99 9.59 -35.45
N ASN B 207 31.14 8.55 -36.26
CA ASN B 207 31.81 7.31 -35.85
C ASN B 207 31.11 6.65 -34.65
N LEU B 208 29.80 6.73 -34.59
CA LEU B 208 29.10 6.04 -33.51
C LEU B 208 29.19 4.53 -33.74
N GLU B 209 29.72 3.80 -32.76
CA GLU B 209 29.97 2.36 -32.90
C GLU B 209 28.68 1.58 -33.07
N PRO B 210 28.51 0.79 -34.12
CA PRO B 210 27.18 0.19 -34.33
C PRO B 210 27.01 -1.02 -33.44
N ASN B 211 28.06 -1.70 -33.05
CA ASN B 211 27.82 -2.94 -32.27
C ASN B 211 27.98 -2.71 -30.76
N ALA B 212 27.25 -1.75 -30.19
CA ALA B 212 27.27 -1.38 -28.78
C ALA B 212 25.97 -0.70 -28.44
N LEU B 213 25.67 -0.69 -27.14
CA LEU B 213 24.58 0.10 -26.62
C LEU B 213 25.21 1.37 -26.08
N HIS B 214 24.64 2.51 -26.42
CA HIS B 214 25.21 3.80 -26.09
C HIS B 214 24.39 4.49 -24.99
N ILE B 215 25.08 5.05 -24.01
CA ILE B 215 24.47 5.77 -22.91
C ILE B 215 25.11 7.16 -22.78
N TRP B 216 24.28 8.19 -22.64
CA TRP B 216 24.74 9.54 -22.24
C TRP B 216 24.16 9.84 -20.86
N PRO B 217 24.87 9.52 -19.80
CA PRO B 217 24.33 9.75 -18.46
C PRO B 217 24.37 11.22 -18.04
N HIS B 218 23.43 11.60 -17.17
CA HIS B 218 23.40 12.98 -16.69
C HIS B 218 22.61 13.11 -15.38
N GLY B 219 22.75 12.14 -14.49
CA GLY B 219 22.17 12.27 -13.18
C GLY B 219 20.68 11.97 -13.18
N ASP B 220 19.83 12.98 -12.96
CA ASP B 220 18.39 12.76 -12.98
C ASP B 220 17.84 12.62 -14.38
N TYR B 221 18.65 12.75 -15.42
CA TYR B 221 18.14 12.43 -16.74
C TYR B 221 19.25 11.75 -17.54
N MET B 222 18.89 11.20 -18.71
CA MET B 222 19.84 10.45 -19.52
C MET B 222 19.24 10.09 -20.86
N CYS B 223 20.14 9.76 -21.78
CA CYS B 223 19.78 9.25 -23.08
C CYS B 223 20.46 7.89 -23.27
N ILE B 224 19.79 7.02 -23.99
CA ILE B 224 20.33 5.72 -24.36
C ILE B 224 20.09 5.54 -25.84
N ALA B 225 21.02 4.91 -26.56
CA ALA B 225 20.73 4.69 -27.97
C ALA B 225 21.05 3.26 -28.35
N LEU B 226 20.20 2.64 -29.17
CA LEU B 226 20.33 1.28 -29.67
C LEU B 226 20.42 1.26 -31.20
N PRO B 227 21.29 0.42 -31.77
CA PRO B 227 21.51 0.42 -33.22
C PRO B 227 20.45 -0.33 -34.00
N ASN B 228 20.32 0.09 -35.26
CA ASN B 228 19.53 -0.63 -36.27
C ASN B 228 20.45 -1.22 -37.34
N LEU B 229 19.90 -2.19 -38.09
CA LEU B 229 20.65 -2.84 -39.17
C LEU B 229 21.17 -1.86 -40.20
N ASP B 230 20.42 -0.78 -40.46
CA ASP B 230 20.84 0.15 -41.49
C ASP B 230 21.74 1.23 -40.94
N ARG B 231 22.22 1.07 -39.70
CA ARG B 231 23.10 2.01 -39.00
C ARG B 231 22.40 3.28 -38.47
N SER B 232 21.11 3.40 -38.60
CA SER B 232 20.41 4.40 -37.80
C SER B 232 20.39 3.95 -36.34
N PHE B 233 20.15 4.88 -35.42
CA PHE B 233 19.97 4.56 -34.02
C PHE B 233 18.64 5.13 -33.57
N THR B 234 17.96 4.44 -32.66
CA THR B 234 16.87 5.11 -31.99
C THR B 234 17.34 5.59 -30.61
N VAL B 235 17.17 6.87 -30.34
CA VAL B 235 17.61 7.45 -29.07
C VAL B 235 16.39 7.65 -28.18
N THR B 236 16.52 7.31 -26.90
CA THR B 236 15.48 7.53 -25.91
C THR B 236 16.03 8.46 -24.84
N LEU B 237 15.37 9.57 -24.65
CA LEU B 237 15.65 10.49 -23.56
C LEU B 237 14.75 10.11 -22.39
N PHE B 238 15.34 9.93 -21.22
CA PHE B 238 14.59 9.81 -19.98
C PHE B 238 14.71 11.10 -19.17
N LEU B 239 13.58 11.70 -18.82
CA LEU B 239 13.58 13.05 -18.26
C LEU B 239 12.32 13.24 -17.44
N HIS B 240 12.43 13.89 -16.28
CA HIS B 240 11.28 14.12 -15.41
C HIS B 240 10.17 14.84 -16.16
N HIS B 241 8.93 14.39 -15.95
CA HIS B 241 7.77 15.12 -16.49
C HIS B 241 7.75 16.55 -15.96
N GLN B 242 8.02 16.71 -14.67
CA GLN B 242 7.79 17.95 -13.97
C GLN B 242 9.02 18.22 -13.13
N SER B 243 9.35 19.49 -13.02
CA SER B 243 10.39 19.92 -12.11
C SER B 243 9.90 19.71 -10.68
N PRO B 244 10.69 19.08 -9.81
CA PRO B 244 10.31 18.99 -8.39
C PRO B 244 10.16 20.36 -7.74
N ALA B 245 9.41 20.40 -6.64
CA ALA B 245 9.16 21.67 -5.96
C ALA B 245 10.42 22.21 -5.28
N ALA B 246 11.32 21.32 -4.86
CA ALA B 246 12.56 21.70 -4.21
C ALA B 246 13.60 22.17 -5.20
N GLN B 247 13.57 21.63 -6.42
CA GLN B 247 14.46 21.99 -7.51
C GLN B 247 13.60 22.59 -8.63
N PRO B 248 12.98 23.76 -8.41
CA PRO B 248 12.00 24.25 -9.40
C PRO B 248 12.60 24.59 -10.76
N ALA B 249 13.92 24.79 -10.86
CA ALA B 249 14.58 25.03 -12.14
C ALA B 249 15.18 23.78 -12.78
N SER B 250 15.08 22.61 -12.14
CA SER B 250 15.69 21.42 -12.72
C SER B 250 15.02 21.09 -14.04
N PRO B 251 15.74 20.44 -14.96
CA PRO B 251 15.18 20.18 -16.28
C PRO B 251 14.00 19.21 -16.22
N SER B 252 13.01 19.44 -17.08
CA SER B 252 11.86 18.55 -17.18
C SER B 252 11.19 18.76 -18.52
N PHE B 253 10.30 17.83 -18.88
CA PHE B 253 9.53 17.98 -20.10
C PHE B 253 8.70 19.25 -20.10
N ALA B 254 8.18 19.67 -18.92
CA ALA B 254 7.32 20.84 -18.89
C ALA B 254 8.06 22.08 -19.34
N GLN B 255 9.37 22.13 -19.11
CA GLN B 255 10.14 23.30 -19.50
C GLN B 255 10.50 23.29 -20.97
N LEU B 256 10.49 22.13 -21.62
CA LEU B 256 10.76 22.06 -23.06
C LEU B 256 9.43 22.36 -23.78
N VAL B 257 9.16 23.66 -23.94
CA VAL B 257 7.82 24.08 -24.39
C VAL B 257 7.59 23.75 -25.87
N ASP B 258 8.66 23.56 -26.65
CA ASP B 258 8.55 23.21 -28.06
C ASP B 258 9.88 22.59 -28.46
N GLY B 259 10.03 22.28 -29.75
CA GLY B 259 11.24 21.64 -30.22
C GLY B 259 12.47 22.54 -30.19
N HIS B 260 12.29 23.84 -30.31
CA HIS B 260 13.43 24.75 -30.21
C HIS B 260 13.99 24.76 -28.79
N ALA B 261 13.09 24.68 -27.80
CA ALA B 261 13.55 24.50 -26.42
C ALA B 261 14.33 23.19 -26.31
N ALA B 262 13.81 22.13 -26.93
CA ALA B 262 14.49 20.83 -26.86
C ALA B 262 15.90 20.92 -27.43
N ARG B 263 16.04 21.56 -28.59
CA ARG B 263 17.37 21.74 -29.17
C ARG B 263 18.32 22.45 -28.21
N ARG B 264 17.90 23.57 -27.60
CA ARG B 264 18.82 24.29 -26.70
C ARG B 264 19.19 23.45 -25.49
N PHE B 265 18.24 22.66 -24.97
CA PHE B 265 18.54 21.71 -23.89
C PHE B 265 19.61 20.71 -24.30
N PHE B 266 19.45 20.09 -25.47
CA PHE B 266 20.46 19.14 -25.95
C PHE B 266 21.81 19.81 -26.24
N GLN B 267 21.81 21.01 -26.81
CA GLN B 267 23.11 21.63 -27.06
C GLN B 267 23.81 21.93 -25.73
N ARG B 268 23.03 22.17 -24.69
CA ARG B 268 23.70 22.50 -23.45
C ARG B 268 24.11 21.23 -22.70
N GLN B 269 23.18 20.26 -22.58
CA GLN B 269 23.39 19.09 -21.73
C GLN B 269 23.97 17.88 -22.45
N PHE B 270 23.73 17.74 -23.74
CA PHE B 270 24.24 16.59 -24.49
C PHE B 270 24.95 17.10 -25.73
N PRO B 271 25.97 17.96 -25.58
CA PRO B 271 26.57 18.61 -26.77
C PRO B 271 27.23 17.62 -27.76
N ASP B 272 27.66 16.44 -27.32
CA ASP B 272 28.24 15.44 -28.21
C ASP B 272 27.17 14.70 -29.00
N LEU B 273 25.91 14.80 -28.57
CA LEU B 273 24.80 14.07 -29.17
C LEU B 273 23.93 14.98 -30.02
N SER B 274 23.74 16.23 -29.61
CA SER B 274 22.95 17.15 -30.43
C SER B 274 23.32 17.17 -31.90
N PRO B 275 24.61 17.30 -32.29
CA PRO B 275 24.95 17.28 -33.73
C PRO B 275 24.44 16.08 -34.50
N MET B 276 24.22 14.95 -33.84
CA MET B 276 23.74 13.77 -34.56
C MET B 276 22.24 13.72 -34.70
N LEU B 277 21.50 14.58 -33.98
CA LEU B 277 20.04 14.52 -33.95
C LEU B 277 19.48 15.58 -34.89
N ASP B 278 19.46 15.27 -36.19
CA ASP B 278 19.09 16.29 -37.17
C ASP B 278 17.60 16.62 -37.15
N SER B 279 16.74 15.67 -36.78
CA SER B 279 15.31 15.94 -36.79
C SER B 279 14.76 16.14 -35.39
N LEU B 280 15.63 16.51 -34.45
CA LEU B 280 15.26 16.63 -33.05
C LEU B 280 14.01 17.49 -32.87
N GLU B 281 13.96 18.64 -33.56
CA GLU B 281 12.84 19.57 -33.35
C GLU B 281 11.52 18.94 -33.77
N GLN B 282 11.49 18.34 -34.97
CA GLN B 282 10.29 17.66 -35.44
C GLN B 282 9.97 16.43 -34.60
N ASP B 283 10.97 15.59 -34.33
CA ASP B 283 10.71 14.41 -33.51
C ASP B 283 10.15 14.83 -32.16
N PHE B 284 10.72 15.88 -31.58
CA PHE B 284 10.34 16.26 -30.23
C PHE B 284 8.87 16.66 -30.17
N GLU B 285 8.38 17.38 -31.17
CA GLU B 285 7.01 17.88 -31.14
C GLU B 285 6.00 16.86 -31.63
N HIS B 286 6.36 15.95 -32.56
CA HIS B 286 5.37 15.02 -33.11
C HIS B 286 5.38 13.65 -32.44
N HIS B 287 6.48 13.26 -31.83
CA HIS B 287 6.39 11.99 -31.09
C HIS B 287 5.89 12.25 -29.67
N PRO B 288 4.98 11.42 -29.14
CA PRO B 288 4.44 11.70 -27.80
C PRO B 288 5.39 11.31 -26.68
N THR B 289 5.26 12.02 -25.56
CA THR B 289 6.03 11.69 -24.37
C THR B 289 5.41 10.49 -23.68
N GLY B 290 6.21 9.44 -23.43
CA GLY B 290 5.67 8.27 -22.80
C GLY B 290 5.74 8.34 -21.29
N LYS B 291 4.92 7.50 -20.65
CA LYS B 291 4.86 7.43 -19.21
C LYS B 291 5.37 6.05 -18.77
N LEU B 292 5.91 6.00 -17.55
CA LEU B 292 6.56 4.83 -16.99
C LEU B 292 5.94 4.56 -15.64
N ALA B 293 5.90 3.29 -15.25
CA ALA B 293 5.25 2.93 -13.99
C ALA B 293 5.58 1.49 -13.63
N THR B 294 5.41 1.16 -12.37
CA THR B 294 5.58 -0.19 -11.85
C THR B 294 4.25 -0.55 -11.25
N LEU B 295 3.68 -1.68 -11.63
CA LEU B 295 2.41 -2.05 -11.05
C LEU B 295 2.51 -3.50 -10.60
N ARG B 296 2.19 -3.76 -9.32
CA ARG B 296 2.28 -5.10 -8.72
C ARG B 296 0.89 -5.62 -8.37
N LEU B 297 0.58 -6.86 -8.78
CA LEU B 297 -0.72 -7.45 -8.49
C LEU B 297 -0.59 -8.63 -7.55
N THR B 298 -1.53 -8.72 -6.62
CA THR B 298 -1.61 -9.88 -5.73
C THR B 298 -2.03 -11.12 -6.48
N THR B 299 -3.01 -11.02 -7.38
CA THR B 299 -3.38 -12.20 -8.12
C THR B 299 -3.46 -11.93 -9.61
N TRP B 300 -3.03 -12.93 -10.38
CA TRP B 300 -2.92 -12.84 -11.81
C TRP B 300 -3.98 -13.62 -12.56
N HIS B 301 -4.90 -14.32 -11.87
CA HIS B 301 -5.87 -15.14 -12.57
C HIS B 301 -7.22 -15.13 -11.87
N VAL B 302 -8.22 -15.59 -12.61
CA VAL B 302 -9.57 -15.74 -12.11
C VAL B 302 -9.92 -17.20 -12.33
N GLY B 303 -9.84 -18.00 -11.27
CA GLY B 303 -10.24 -19.39 -11.38
C GLY B 303 -9.48 -20.07 -12.49
N GLY B 304 -10.17 -20.85 -13.33
CA GLY B 304 -9.57 -21.36 -14.54
C GLY B 304 -9.96 -20.57 -15.78
N GLN B 305 -10.57 -19.42 -15.61
CA GLN B 305 -11.20 -18.76 -16.73
C GLN B 305 -10.28 -17.76 -17.42
N ALA B 306 -9.43 -17.04 -16.67
CA ALA B 306 -8.58 -16.01 -17.26
C ALA B 306 -7.30 -15.82 -16.47
N VAL B 307 -6.23 -15.45 -17.17
CA VAL B 307 -4.93 -15.20 -16.54
C VAL B 307 -4.26 -14.05 -17.31
N LEU B 308 -3.32 -13.34 -16.64
CA LEU B 308 -2.55 -12.24 -17.21
C LEU B 308 -1.11 -12.69 -17.44
N LEU B 309 -0.46 -12.14 -18.48
CA LEU B 309 0.98 -12.33 -18.51
C LEU B 309 1.66 -11.17 -19.20
N GLY B 310 2.98 -11.10 -19.03
CA GLY B 310 3.74 -9.97 -19.61
C GLY B 310 3.42 -8.66 -18.91
N ASP B 311 3.33 -7.59 -19.72
CA ASP B 311 3.04 -6.26 -19.16
C ASP B 311 1.65 -6.16 -18.54
N ALA B 312 0.68 -6.94 -19.02
CA ALA B 312 -0.62 -6.96 -18.36
C ALA B 312 -0.50 -7.37 -16.90
N ALA B 313 0.45 -8.26 -16.56
CA ALA B 313 0.60 -8.77 -15.21
C ALA B 313 1.56 -7.96 -14.38
N HIS B 314 2.66 -7.46 -14.95
CA HIS B 314 3.70 -6.82 -14.15
C HIS B 314 4.39 -5.72 -14.93
N PRO B 315 3.70 -4.61 -15.19
CA PRO B 315 4.39 -3.45 -15.77
C PRO B 315 5.60 -3.10 -14.91
N MET B 316 6.74 -2.83 -15.56
CA MET B 316 7.96 -2.46 -14.87
C MET B 316 8.63 -1.28 -15.60
N VAL B 317 9.51 -0.57 -14.91
CA VAL B 317 10.27 0.51 -15.59
C VAL B 317 11.32 -0.13 -16.49
N PRO B 318 11.67 0.50 -17.61
CA PRO B 318 12.48 -0.22 -18.60
C PRO B 318 13.98 -0.18 -18.37
N PHE B 319 14.43 0.09 -17.16
CA PHE B 319 15.83 0.46 -17.02
C PHE B 319 16.78 -0.73 -17.02
N HIS B 320 16.27 -1.96 -17.03
CA HIS B 320 17.12 -3.14 -17.18
C HIS B 320 16.96 -3.79 -18.56
N GLY B 321 16.08 -3.27 -19.40
CA GLY B 321 15.89 -3.91 -20.71
C GLY B 321 15.41 -5.35 -20.64
N GLN B 322 14.47 -5.64 -19.73
CA GLN B 322 14.08 -7.01 -19.43
C GLN B 322 12.58 -7.25 -19.55
N GLY B 323 11.81 -6.23 -19.93
CA GLY B 323 10.36 -6.36 -19.99
C GLY B 323 9.92 -7.34 -21.06
N MET B 324 10.45 -7.21 -22.29
CA MET B 324 10.08 -8.17 -23.31
C MET B 324 10.69 -9.53 -23.01
N ASN B 325 11.90 -9.53 -22.46
CA ASN B 325 12.54 -10.81 -22.17
C ASN B 325 11.73 -11.60 -21.14
N CYS B 326 11.23 -10.90 -20.10
CA CYS B 326 10.33 -11.49 -19.10
C CYS B 326 9.02 -11.94 -19.72
N ALA B 327 8.44 -11.10 -20.57
CA ALA B 327 7.18 -11.42 -21.23
C ALA B 327 7.31 -12.70 -22.03
N LEU B 328 8.44 -12.87 -22.72
CA LEU B 328 8.65 -14.09 -23.50
C LEU B 328 8.88 -15.27 -22.59
N GLU B 329 9.61 -15.08 -21.50
CA GLU B 329 9.76 -16.16 -20.53
C GLU B 329 8.42 -16.55 -19.90
N ASP B 330 7.54 -15.55 -19.61
CA ASP B 330 6.18 -15.83 -19.14
C ASP B 330 5.43 -16.73 -20.12
N ALA B 331 5.47 -16.40 -21.42
CA ALA B 331 4.70 -17.18 -22.40
C ALA B 331 5.11 -18.67 -22.42
N VAL B 332 6.41 -18.95 -22.36
CA VAL B 332 6.87 -20.35 -22.31
C VAL B 332 6.32 -21.05 -21.07
N ALA B 333 6.40 -20.38 -19.92
CA ALA B 333 5.95 -21.00 -18.68
C ALA B 333 4.44 -21.23 -18.71
N LEU B 334 3.65 -20.29 -19.24
CA LEU B 334 2.20 -20.48 -19.22
C LEU B 334 1.82 -21.59 -20.19
N ALA B 335 2.46 -21.67 -21.35
CA ALA B 335 2.13 -22.76 -22.28
C ALA B 335 2.52 -24.12 -21.70
N GLU B 336 3.65 -24.20 -20.99
CA GLU B 336 4.03 -25.45 -20.33
C GLU B 336 3.03 -25.85 -19.25
N HIS B 337 2.58 -24.90 -18.41
CA HIS B 337 1.60 -25.23 -17.38
C HIS B 337 0.28 -25.64 -17.99
N LEU B 338 -0.23 -24.88 -18.96
CA LEU B 338 -1.52 -25.22 -19.58
C LEU B 338 -1.47 -26.59 -20.25
N GLN B 339 -0.38 -26.87 -20.94
CA GLN B 339 -0.30 -28.09 -21.72
C GLN B 339 -0.45 -29.32 -20.84
N SER B 340 0.19 -29.31 -19.68
CA SER B 340 0.35 -30.54 -18.89
CA SER B 340 0.34 -30.55 -18.89
C SER B 340 -0.44 -30.57 -17.60
N ALA B 341 -1.27 -29.57 -17.33
CA ALA B 341 -1.97 -29.50 -16.04
C ALA B 341 -3.18 -30.43 -16.02
N ALA B 342 -3.65 -30.72 -14.81
CA ALA B 342 -4.85 -31.53 -14.67
C ALA B 342 -6.08 -30.77 -15.18
N ASP B 343 -6.14 -29.45 -14.98
CA ASP B 343 -7.18 -28.61 -15.59
C ASP B 343 -6.66 -27.18 -15.61
N ASN B 344 -7.43 -26.27 -16.21
CA ASN B 344 -6.89 -24.90 -16.36
C ASN B 344 -6.76 -24.20 -15.03
N ALA B 345 -7.68 -24.45 -14.07
CA ALA B 345 -7.56 -23.76 -12.80
C ALA B 345 -6.23 -24.08 -12.13
N SER B 346 -5.86 -25.37 -12.14
CA SER B 346 -4.58 -25.77 -11.57
C SER B 346 -3.42 -25.17 -12.36
N ALA B 347 -3.52 -25.18 -13.69
CA ALA B 347 -2.46 -24.57 -14.50
C ALA B 347 -2.21 -23.12 -14.11
N LEU B 348 -3.30 -22.34 -14.02
CA LEU B 348 -3.14 -20.91 -13.82
C LEU B 348 -2.59 -20.61 -12.44
N ALA B 349 -3.00 -21.38 -11.44
CA ALA B 349 -2.47 -21.14 -10.11
C ALA B 349 -1.01 -21.52 -10.01
N ALA B 350 -0.59 -22.60 -10.69
CA ALA B 350 0.82 -23.00 -10.64
C ALA B 350 1.69 -22.01 -11.42
N PHE B 351 1.20 -21.53 -12.56
CA PHE B 351 1.92 -20.50 -13.31
C PHE B 351 2.11 -19.25 -12.46
N THR B 352 1.03 -18.78 -11.83
CA THR B 352 1.13 -17.62 -10.96
C THR B 352 2.13 -17.85 -9.83
N ALA B 353 2.02 -18.99 -9.13
CA ALA B 353 2.91 -19.22 -8.00
C ALA B 353 4.37 -19.23 -8.43
N GLN B 354 4.64 -19.71 -9.63
CA GLN B 354 6.02 -19.77 -10.11
C GLN B 354 6.52 -18.40 -10.53
N ARG B 355 5.73 -17.67 -11.33
CA ARG B 355 6.25 -16.46 -11.97
C ARG B 355 6.19 -15.24 -11.06
N GLN B 356 5.32 -15.21 -10.06
CA GLN B 356 5.16 -13.97 -9.30
C GLN B 356 6.41 -13.54 -8.55
N PRO B 357 7.12 -14.42 -7.82
CA PRO B 357 8.32 -13.94 -7.12
C PRO B 357 9.39 -13.47 -8.09
N ASP B 358 9.42 -14.02 -9.30
CA ASP B 358 10.42 -13.61 -10.29
C ASP B 358 10.05 -12.25 -10.91
N ALA B 359 8.77 -12.00 -11.16
CA ALA B 359 8.34 -10.69 -11.60
C ALA B 359 8.64 -9.63 -10.54
N LEU B 360 8.41 -9.94 -9.25
CA LEU B 360 8.67 -8.93 -8.22
C LEU B 360 10.16 -8.58 -8.16
N ALA B 361 11.01 -9.58 -8.32
CA ALA B 361 12.46 -9.35 -8.29
C ALA B 361 12.91 -8.49 -9.46
N ILE B 362 12.52 -8.83 -10.68
CA ILE B 362 12.96 -8.01 -11.81
C ILE B 362 12.35 -6.61 -11.73
N GLN B 363 11.14 -6.47 -11.17
CA GLN B 363 10.60 -5.10 -11.03
C GLN B 363 11.43 -4.30 -10.06
N ALA B 364 11.97 -4.93 -9.02
CA ALA B 364 12.78 -4.17 -8.07
C ALA B 364 14.17 -3.89 -8.66
N MET B 365 14.76 -4.88 -9.33
CA MET B 365 16.08 -4.66 -9.93
C MET B 365 16.03 -3.64 -11.04
N ALA B 366 14.93 -3.59 -11.78
CA ALA B 366 14.88 -2.62 -12.86
C ALA B 366 14.84 -1.21 -12.32
N LEU B 367 14.15 -1.00 -11.20
CA LEU B 367 14.16 0.33 -10.58
C LEU B 367 15.57 0.72 -10.17
N GLU B 368 16.29 -0.19 -9.49
CA GLU B 368 17.65 0.09 -9.03
C GLU B 368 18.58 0.36 -10.20
N ASN B 369 18.29 -0.20 -11.37
CA ASN B 369 19.27 -0.11 -12.44
C ASN B 369 19.35 1.30 -12.99
N TYR B 370 18.36 2.14 -12.66
CA TYR B 370 18.40 3.52 -13.14
C TYR B 370 19.62 4.26 -12.61
N VAL B 371 19.89 4.16 -11.30
CA VAL B 371 21.05 4.86 -10.76
C VAL B 371 22.35 4.34 -11.36
N GLU B 372 22.40 3.05 -11.71
CA GLU B 372 23.64 2.50 -12.29
C GLU B 372 23.92 3.11 -13.67
N MET B 373 22.88 3.36 -14.46
CA MET B 373 23.10 3.87 -15.80
C MET B 373 23.32 5.38 -15.82
N SER B 374 22.54 6.13 -15.04
CA SER B 374 22.46 7.58 -15.20
C SER B 374 23.53 8.35 -14.43
N SER B 375 24.27 7.69 -13.54
CA SER B 375 25.29 8.39 -12.78
C SER B 375 26.50 8.69 -13.66
N LYS B 376 26.93 9.95 -13.68
CA LYS B 376 28.04 10.35 -14.53
C LYS B 376 29.40 10.17 -13.85
N VAL B 377 29.44 9.83 -12.55
CA VAL B 377 30.69 9.62 -11.83
C VAL B 377 30.64 8.28 -11.10
N ALA B 378 31.73 7.96 -10.40
CA ALA B 378 31.85 6.72 -9.65
C ALA B 378 32.88 6.97 -8.56
N SER B 379 32.43 6.93 -7.29
CA SER B 379 33.33 7.16 -6.18
C SER B 379 34.45 6.11 -6.19
N PRO B 380 35.61 6.43 -5.63
CA PRO B 380 36.68 5.41 -5.52
C PRO B 380 36.24 4.14 -4.81
N THR B 381 35.20 4.20 -3.97
CA THR B 381 34.65 3.00 -3.36
C THR B 381 34.03 2.08 -4.42
N TYR B 382 33.21 2.65 -5.31
CA TYR B 382 32.53 1.84 -6.33
C TYR B 382 33.50 1.27 -7.35
N LEU B 383 34.57 1.99 -7.67
CA LEU B 383 35.55 1.47 -8.61
C LEU B 383 36.42 0.40 -7.98
N LEU B 384 36.69 0.50 -6.67
CA LEU B 384 37.47 -0.54 -6.02
C LEU B 384 36.65 -1.81 -5.84
N GLU B 385 35.33 -1.69 -5.68
CA GLU B 385 34.50 -2.88 -5.57
C GLU B 385 34.36 -3.60 -6.90
N ARG B 386 34.16 -2.86 -7.99
CA ARG B 386 34.17 -3.50 -9.30
C ARG B 386 35.53 -4.13 -9.59
N GLU B 387 36.61 -3.53 -9.08
CA GLU B 387 37.94 -4.10 -9.28
C GLU B 387 38.07 -5.43 -8.53
N LEU B 388 37.67 -5.46 -7.26
CA LEU B 388 37.66 -6.71 -6.51
C LEU B 388 36.63 -7.70 -7.05
N GLY B 389 35.49 -7.19 -7.54
CA GLY B 389 34.47 -8.08 -8.09
C GLY B 389 34.94 -8.82 -9.33
N GLN B 390 35.71 -8.15 -10.19
CA GLN B 390 36.23 -8.79 -11.40
C GLN B 390 37.31 -9.81 -11.05
N ILE B 391 38.15 -9.51 -10.05
CA ILE B 391 39.09 -10.49 -9.50
C ILE B 391 38.38 -11.76 -9.06
N MET B 392 37.35 -11.61 -8.21
CA MET B 392 36.64 -12.77 -7.69
C MET B 392 35.91 -13.51 -8.80
N ALA B 393 35.41 -12.78 -9.81
CA ALA B 393 34.72 -13.40 -10.93
C ALA B 393 35.63 -14.33 -11.73
N GLN B 394 36.95 -14.12 -11.68
CA GLN B 394 37.91 -15.00 -12.34
C GLN B 394 38.40 -16.12 -11.43
N ARG B 395 38.40 -15.91 -10.12
CA ARG B 395 38.87 -16.96 -9.23
C ARG B 395 37.79 -18.03 -9.03
N GLN B 396 36.53 -17.60 -8.91
CA GLN B 396 35.39 -18.50 -8.78
C GLN B 396 34.37 -18.12 -9.83
N PRO B 397 34.57 -18.51 -11.09
CA PRO B 397 33.66 -18.07 -12.17
C PRO B 397 32.29 -18.69 -12.12
N THR B 398 32.08 -19.80 -11.40
CA THR B 398 30.75 -20.36 -11.23
C THR B 398 30.12 -20.04 -9.87
N ARG B 399 30.80 -19.29 -9.01
CA ARG B 399 30.24 -18.81 -7.75
C ARG B 399 29.93 -17.33 -7.77
N PHE B 400 30.93 -16.50 -8.13
CA PHE B 400 30.79 -15.04 -8.20
C PHE B 400 30.48 -14.61 -9.63
N ILE B 401 29.19 -14.45 -9.94
CA ILE B 401 28.69 -14.00 -11.24
C ILE B 401 28.00 -12.65 -11.04
N PRO B 402 28.57 -11.54 -11.55
CA PRO B 402 27.94 -10.22 -11.35
C PRO B 402 26.45 -10.27 -11.64
N ARG B 403 25.68 -9.56 -10.80
CA ARG B 403 24.22 -9.58 -10.90
C ARG B 403 23.72 -9.24 -12.29
N TYR B 404 24.35 -8.26 -12.93
CA TYR B 404 23.89 -7.91 -14.27
C TYR B 404 24.12 -9.06 -15.25
N SER B 405 25.25 -9.78 -15.12
CA SER B 405 25.46 -10.94 -15.98
C SER B 405 24.39 -12.00 -15.73
N MET B 406 24.04 -12.26 -14.46
CA MET B 406 23.02 -13.25 -14.15
C MET B 406 21.66 -12.89 -14.75
N VAL B 407 21.29 -11.62 -14.68
CA VAL B 407 20.02 -11.17 -15.27
C VAL B 407 20.06 -11.33 -16.79
N THR B 408 21.07 -10.79 -17.44
CA THR B 408 21.05 -10.62 -18.89
C THR B 408 21.50 -11.87 -19.64
N PHE B 409 22.47 -12.62 -19.08
CA PHE B 409 23.18 -13.65 -19.83
C PHE B 409 22.90 -15.08 -19.36
N SER B 410 21.99 -15.28 -18.41
CA SER B 410 21.66 -16.61 -17.95
C SER B 410 20.15 -16.71 -17.78
N ARG B 411 19.66 -17.92 -17.58
CA ARG B 411 18.24 -18.14 -17.34
CA ARG B 411 18.24 -18.13 -17.34
C ARG B 411 17.93 -18.38 -15.86
N LEU B 412 18.84 -17.99 -14.97
CA LEU B 412 18.57 -18.12 -13.54
C LEU B 412 17.27 -17.41 -13.18
N PRO B 413 16.42 -18.02 -12.35
CA PRO B 413 15.20 -17.31 -11.93
C PRO B 413 15.58 -15.95 -11.35
N TYR B 414 14.90 -14.92 -11.81
CA TYR B 414 15.18 -13.56 -11.38
C TYR B 414 15.32 -13.42 -9.85
N ALA B 415 14.48 -14.11 -9.09
CA ALA B 415 14.56 -13.95 -7.63
C ALA B 415 15.89 -14.50 -7.09
N GLN B 416 16.38 -15.59 -7.67
CA GLN B 416 17.70 -16.11 -7.27
C GLN B 416 18.83 -15.17 -7.69
N ALA B 417 18.75 -14.62 -8.91
CA ALA B 417 19.73 -13.62 -9.32
C ALA B 417 19.75 -12.45 -8.35
N MET B 418 18.61 -12.09 -7.80
CA MET B 418 18.64 -10.95 -6.89
C MET B 418 19.24 -11.33 -5.55
N ALA B 419 18.91 -12.53 -5.02
CA ALA B 419 19.47 -12.96 -3.74
C ALA B 419 20.99 -13.07 -3.80
N ARG B 420 21.49 -13.80 -4.80
CA ARG B 420 22.94 -13.91 -5.00
C ARG B 420 23.59 -12.54 -5.14
N GLY B 421 22.95 -11.63 -5.87
CA GLY B 421 23.54 -10.30 -6.05
C GLY B 421 23.64 -9.52 -4.75
N GLN B 422 22.71 -9.73 -3.82
CA GLN B 422 22.79 -9.09 -2.51
CA GLN B 422 22.82 -9.07 -2.53
C GLN B 422 23.98 -9.62 -1.72
N ILE B 423 24.13 -10.95 -1.67
CA ILE B 423 25.25 -11.56 -0.98
C ILE B 423 26.57 -11.02 -1.50
N GLN B 424 26.70 -10.94 -2.83
CA GLN B 424 27.93 -10.45 -3.44
C GLN B 424 28.16 -8.98 -3.13
N GLU B 425 27.11 -8.17 -3.20
CA GLU B 425 27.28 -6.74 -2.98
C GLU B 425 27.74 -6.46 -1.56
N GLN B 426 27.17 -7.16 -0.57
CA GLN B 426 27.61 -6.98 0.81
C GLN B 426 29.00 -7.53 1.05
N LEU B 427 29.30 -8.70 0.50
CA LEU B 427 30.63 -9.28 0.64
C LEU B 427 31.71 -8.34 0.10
N LEU B 428 31.45 -7.71 -1.05
CA LEU B 428 32.34 -6.66 -1.53
C LEU B 428 32.38 -5.47 -0.58
N LYS B 429 31.31 -5.25 0.18
CA LYS B 429 31.24 -4.07 1.05
C LYS B 429 32.22 -4.18 2.23
N PHE B 430 32.12 -5.25 3.03
CA PHE B 430 33.04 -5.43 4.16
C PHE B 430 34.50 -5.51 3.68
N ALA B 431 34.74 -6.10 2.52
CA ALA B 431 36.11 -6.37 2.10
C ALA B 431 36.84 -5.08 1.77
N VAL B 432 36.13 -4.09 1.21
CA VAL B 432 36.79 -2.83 0.88
C VAL B 432 36.59 -1.77 1.95
N ALA B 433 35.75 -2.02 2.94
CA ALA B 433 35.49 -1.03 3.99
C ALA B 433 36.79 -0.69 4.71
N ASN B 434 37.01 0.59 4.95
CA ASN B 434 38.21 1.10 5.59
C ASN B 434 39.48 0.66 4.85
N HIS B 435 39.42 0.56 3.52
CA HIS B 435 40.57 0.27 2.67
C HIS B 435 40.59 1.22 1.50
N SER B 436 41.80 1.66 1.11
CA SER B 436 41.96 2.67 0.07
C SER B 436 42.32 2.10 -1.28
N ASP B 437 43.22 1.11 -1.32
CA ASP B 437 43.58 0.45 -2.55
C ASP B 437 43.52 -1.06 -2.35
N LEU B 438 43.46 -1.79 -3.47
CA LEU B 438 43.39 -3.23 -3.48
C LEU B 438 44.68 -3.89 -2.97
N THR B 439 45.73 -3.11 -2.74
CA THR B 439 46.97 -3.65 -2.19
C THR B 439 46.81 -4.08 -0.73
N SER B 440 45.95 -3.39 0.03
CA SER B 440 45.73 -3.72 1.44
C SER B 440 44.51 -4.62 1.66
N ILE B 441 44.06 -5.32 0.63
CA ILE B 441 42.88 -6.18 0.69
C ILE B 441 43.32 -7.64 0.55
N ASN B 442 43.04 -8.46 1.57
CA ASN B 442 43.41 -9.88 1.57
C ASN B 442 42.47 -10.65 0.65
N LEU B 443 42.97 -10.99 -0.55
CA LEU B 443 42.12 -11.56 -1.60
C LEU B 443 41.65 -12.98 -1.27
N ASP B 444 42.45 -13.73 -0.51
CA ASP B 444 42.05 -15.09 -0.15
C ASP B 444 41.00 -15.12 0.95
N ALA B 445 41.00 -14.15 1.87
CA ALA B 445 39.91 -14.08 2.83
C ALA B 445 38.60 -13.75 2.12
N VAL B 446 38.66 -12.91 1.08
CA VAL B 446 37.48 -12.62 0.28
C VAL B 446 37.00 -13.86 -0.45
N GLU B 447 37.92 -14.57 -1.13
CA GLU B 447 37.53 -15.76 -1.88
C GLU B 447 37.00 -16.86 -0.97
N HIS B 448 37.49 -16.92 0.30
CA HIS B 448 36.94 -17.86 1.27
C HIS B 448 35.48 -17.52 1.62
N GLU B 449 35.18 -16.25 1.83
CA GLU B 449 33.78 -15.86 2.04
C GLU B 449 32.94 -16.20 0.80
N VAL B 450 33.49 -15.98 -0.39
CA VAL B 450 32.77 -16.30 -1.62
C VAL B 450 32.36 -17.76 -1.63
N THR B 451 33.31 -18.65 -1.31
CA THR B 451 33.01 -20.08 -1.27
C THR B 451 32.04 -20.43 -0.14
N ARG B 452 32.12 -19.75 1.00
CA ARG B 452 31.17 -19.99 2.08
C ARG B 452 29.75 -19.60 1.68
N CYS B 453 29.59 -18.37 1.15
CA CYS B 453 28.27 -17.79 0.95
C CYS B 453 27.63 -18.15 -0.38
N LEU B 454 28.41 -18.50 -1.39
CA LEU B 454 27.87 -18.62 -2.75
C LEU B 454 28.08 -20.01 -3.31
N PRO B 455 27.02 -20.79 -3.51
CA PRO B 455 27.19 -22.14 -4.08
C PRO B 455 27.36 -22.06 -5.59
N PRO B 456 28.07 -23.03 -6.18
CA PRO B 456 28.25 -23.03 -7.63
C PRO B 456 26.95 -23.33 -8.35
N LEU B 457 26.90 -22.95 -9.62
CA LEU B 457 25.72 -23.15 -10.42
C LEU B 457 26.03 -23.94 -11.69
#